data_4HIG
# 
_entry.id   4HIG 
# 
_audit_conform.dict_name       mmcif_pdbx.dic 
_audit_conform.dict_version    5.379 
_audit_conform.dict_location   http://mmcif.pdb.org/dictionaries/ascii/mmcif_pdbx.dic 
# 
loop_
_database_2.database_id 
_database_2.database_code 
_database_2.pdbx_database_accession 
_database_2.pdbx_DOI 
PDB   4HIG         pdb_00004hig 10.2210/pdb4hig/pdb 
NDB   NA2072       ?            ?                   
RCSB  RCSB075506   ?            ?                   
WWPDB D_1000075506 ?            ?                   
# 
loop_
_pdbx_database_related.db_name 
_pdbx_database_related.db_id 
_pdbx_database_related.details 
_pdbx_database_related.content_type 
PDB 3G2R . unspecified 
PDB 3FQ5 . unspecified 
PDB 1ICK . unspecified 
PDB 1D39 . unspecified 
PDB 3P4J . unspecified 
PDB 4HIF . unspecified 
# 
_pdbx_database_status.status_code                     REL 
_pdbx_database_status.entry_id                        4HIG 
_pdbx_database_status.recvd_initial_deposition_date   2012-10-11 
_pdbx_database_status.deposit_site                    RCSB 
_pdbx_database_status.process_site                    RCSB 
_pdbx_database_status.status_code_sf                  REL 
_pdbx_database_status.status_code_mr                  ? 
_pdbx_database_status.SG_entry                        ? 
_pdbx_database_status.status_code_cs                  ? 
_pdbx_database_status.methods_development_category    ? 
_pdbx_database_status.pdb_format_compatible           Y 
_pdbx_database_status.status_code_nmr_data            ? 
# 
loop_
_audit_author.name 
_audit_author.pdbx_ordinal 
'Drozdzal, P.'  1 
'Gilski, M.'    2 
'Kierzek, R.'   3 
'Lomozik, L.'   4 
'Jaskolski, M.' 5 
# 
loop_
_citation.id 
_citation.title 
_citation.journal_abbrev 
_citation.journal_volume 
_citation.page_first 
_citation.page_last 
_citation.year 
_citation.journal_id_ASTM 
_citation.country 
_citation.journal_id_ISSN 
_citation.journal_id_CSD 
_citation.book_publisher 
_citation.pdbx_database_id_PubMed 
_citation.pdbx_database_id_DOI 
primary 'Ultrahigh-resolution crystal structures of Z-DNA in complex with Mn(2+) and Zn(2+) ions.'     'Acta Crystallogr.,Sect.D' 
69 1180 1190 2013 ABCRE6 DK 0907-4449 0766 ? 23695262 10.1107/S0907444913007798 
1       'High regularity of Z-DNA revealed by ultra high-resolution crystal structure at 0.55 A.'      'Nucleic Acids Res.'       
39 6238 6248 2011 NARHAD UK 0305-1048 0389 ? ?        ?                         
2       'Anomalous signal of phosphorus used for phasing DNA oligomer: importance of data redundancy.' 'Acta Crystallogr.,Sect.D' 
57 990  995  2001 ABCRE6 DK 0907-4449 0766 ? ?        ?                         
# 
loop_
_citation_author.citation_id 
_citation_author.name 
_citation_author.ordinal 
_citation_author.identifier_ORCID 
primary 'Drozdzal, P.'      1  ? 
primary 'Gilski, M.'        2  ? 
primary 'Kierzek, R.'       3  ? 
primary 'Lomozik, L.'       4  ? 
primary 'Jaskolski, M.'     5  ? 
1       'Brzezinski, K.'    6  ? 
1       'Brzuszkiewicz, A.' 7  ? 
1       'Dauter, M.'        8  ? 
1       'Kubicki, M.'       9  ? 
1       'Jaskolski, M.'     10 ? 
1       'Dauter, Z.'        11 ? 
2       'Dauter, Z.'        12 ? 
2       'Adamiak, D.A.'     13 ? 
# 
_cell.entry_id           4HIG 
_cell.length_a           17.732 
_cell.length_b           31.436 
_cell.length_c           43.935 
_cell.angle_alpha        90.00 
_cell.angle_beta         90.00 
_cell.angle_gamma        90.00 
_cell.Z_PDB              8 
_cell.pdbx_unique_axis   ? 
_cell.length_a_esd       ? 
_cell.length_b_esd       ? 
_cell.length_c_esd       ? 
_cell.angle_alpha_esd    ? 
_cell.angle_beta_esd     ? 
_cell.angle_gamma_esd    ? 
# 
_symmetry.entry_id                         4HIG 
_symmetry.space_group_name_H-M             'P 21 21 21' 
_symmetry.pdbx_full_space_group_name_H-M   ? 
_symmetry.cell_setting                     ? 
_symmetry.Int_Tables_number                19 
_symmetry.space_group_name_Hall            ? 
# 
loop_
_entity.id 
_entity.type 
_entity.src_method 
_entity.pdbx_description 
_entity.formula_weight 
_entity.pdbx_number_of_molecules 
_entity.pdbx_ec 
_entity.pdbx_mutation 
_entity.pdbx_fragment 
_entity.details 
1 polymer     syn 
;DNA (5'-D(*CP*GP*CP*GP*CP*G)-3')
;
1810.205 2  ? ? ? ? 
2 non-polymer syn 'SPERMINE (FULLY PROTONATED FORM)' 206.372  1  ? ? ? ? 
3 non-polymer syn 'MANGANESE (II) ION'               54.938   1  ? ? ? ? 
4 water       nat water                              18.015   92 ? ? ? ? 
# 
_entity_poly.entity_id                      1 
_entity_poly.type                           polydeoxyribonucleotide 
_entity_poly.nstd_linkage                   no 
_entity_poly.nstd_monomer                   no 
_entity_poly.pdbx_seq_one_letter_code       '(DC)(DG)(DC)(DG)(DC)(DG)' 
_entity_poly.pdbx_seq_one_letter_code_can   CGCGCG 
_entity_poly.pdbx_strand_id                 A,B 
_entity_poly.pdbx_target_identifier         ? 
# 
loop_
_entity_poly_seq.entity_id 
_entity_poly_seq.num 
_entity_poly_seq.mon_id 
_entity_poly_seq.hetero 
1 1 DC n 
1 2 DG n 
1 3 DC n 
1 4 DG n 
1 5 DC n 
1 6 DG n 
# 
_pdbx_entity_src_syn.entity_id              1 
_pdbx_entity_src_syn.pdbx_src_id            1 
_pdbx_entity_src_syn.pdbx_alt_source_flag   sample 
_pdbx_entity_src_syn.pdbx_beg_seq_num       ? 
_pdbx_entity_src_syn.pdbx_end_seq_num       ? 
_pdbx_entity_src_syn.organism_scientific    'synthetic construct' 
_pdbx_entity_src_syn.organism_common_name   ? 
_pdbx_entity_src_syn.ncbi_taxonomy_id       32630 
_pdbx_entity_src_syn.details                'Synthetic construct' 
# 
_struct_ref.id                         1 
_struct_ref.db_name                    PDB 
_struct_ref.db_code                    4HIG 
_struct_ref.pdbx_db_accession          4HIG 
_struct_ref.entity_id                  1 
_struct_ref.pdbx_align_begin           ? 
_struct_ref.pdbx_seq_one_letter_code   ? 
_struct_ref.pdbx_db_isoform            ? 
# 
loop_
_struct_ref_seq.align_id 
_struct_ref_seq.ref_id 
_struct_ref_seq.pdbx_PDB_id_code 
_struct_ref_seq.pdbx_strand_id 
_struct_ref_seq.seq_align_beg 
_struct_ref_seq.pdbx_seq_align_beg_ins_code 
_struct_ref_seq.seq_align_end 
_struct_ref_seq.pdbx_seq_align_end_ins_code 
_struct_ref_seq.pdbx_db_accession 
_struct_ref_seq.db_align_beg 
_struct_ref_seq.pdbx_db_align_beg_ins_code 
_struct_ref_seq.db_align_end 
_struct_ref_seq.pdbx_db_align_end_ins_code 
_struct_ref_seq.pdbx_auth_seq_align_beg 
_struct_ref_seq.pdbx_auth_seq_align_end 
1 1 4HIG A 1 ? 6 ? 4HIG 1 ? 6  ? 1 6  
2 1 4HIG B 1 ? 6 ? 4HIG 7 ? 12 ? 7 12 
# 
loop_
_chem_comp.id 
_chem_comp.type 
_chem_comp.mon_nstd_flag 
_chem_comp.name 
_chem_comp.pdbx_synonyms 
_chem_comp.formula 
_chem_comp.formula_weight 
DC  'DNA linking' y "2'-DEOXYCYTIDINE-5'-MONOPHOSPHATE"  ? 'C9 H14 N3 O7 P'  307.197 
DG  'DNA linking' y "2'-DEOXYGUANOSINE-5'-MONOPHOSPHATE" ? 'C10 H14 N5 O7 P' 347.221 
HOH non-polymer   . WATER                                ? 'H2 O'            18.015  
MN  non-polymer   . 'MANGANESE (II) ION'                 ? 'Mn 2'            54.938  
SPK non-polymer   . 'SPERMINE (FULLY PROTONATED FORM)'   ? 'C10 H30 N4 4'    206.372 
# 
_exptl.entry_id          4HIG 
_exptl.method            'X-RAY DIFFRACTION' 
_exptl.crystals_number   2 
# 
_exptl_crystal.id                    1 
_exptl_crystal.density_meas          ? 
_exptl_crystal.density_Matthews      1.59 
_exptl_crystal.density_percent_sol   22.70 
_exptl_crystal.description           ? 
_exptl_crystal.F_000                 ? 
_exptl_crystal.preparation           ? 
# 
_exptl_crystal_grow.crystal_id      1 
_exptl_crystal_grow.method          ? 
_exptl_crystal_grow.temp            292 
_exptl_crystal_grow.temp_details    ? 
_exptl_crystal_grow.pH              6 
_exptl_crystal_grow.pdbx_pH_range   ? 
_exptl_crystal_grow.pdbx_details    
;1.5 MM DNA WATER SOLUTION MIXED 1:1 V/V WITH 10% MPD, 12 MM SPERMINE TETRA-HCL, 12 MM NACL, 80 MM KCL AND EQUILIBRATED AGAINST 35% MPD, PH 6. VAPOR DIFFUSION, HANGING DROP METHOD, TEMPERATURE 292K. FOR MN2+ SOAKING, A CRYSTAL WAS PLACED IN 0.002 ML OF THE RESERVOIR SOLUTION MIXED WITH 0.002 ML OF 5 MM MNCL2 FOR ONE WEEK.
;
# 
loop_
_diffrn.id 
_diffrn.ambient_temp 
_diffrn.ambient_temp_details 
_diffrn.crystal_id 
1 100 ? 1 
2 100 ? 1 
# 
loop_
_diffrn_detector.diffrn_id 
_diffrn_detector.detector 
_diffrn_detector.type 
_diffrn_detector.pdbx_collection_date 
_diffrn_detector.details 
1 CCD 'MAR CCD 165 mm' 2009-12-04 ? 
2 CCD 'RAYONIX MX-225' 2012-03-16 ? 
# 
loop_
_diffrn_radiation.diffrn_id 
_diffrn_radiation.wavelength_id 
_diffrn_radiation.pdbx_monochromatic_or_laue_m_l 
_diffrn_radiation.monochromator 
_diffrn_radiation.pdbx_diffrn_protocol 
_diffrn_radiation.pdbx_scattering_type 
1 1 M 'SI 111 CHANNEL' 'SINGLE WAVELENGTH' x-ray 
2 1 M 'SI 111 CHANNEL' 'SINGLE WAVELENGTH' x-ray 
# 
loop_
_diffrn_radiation_wavelength.id 
_diffrn_radiation_wavelength.wavelength 
_diffrn_radiation_wavelength.wt 
1 0.8010 1.0 
2 0.9184 1.0 
# 
loop_
_diffrn_source.diffrn_id 
_diffrn_source.source 
_diffrn_source.type 
_diffrn_source.pdbx_synchrotron_site 
_diffrn_source.pdbx_synchrotron_beamline 
_diffrn_source.pdbx_wavelength 
_diffrn_source.pdbx_wavelength_list 
1 SYNCHROTRON 'EMBL/DESY, HAMBURG BEAMLINE X12' 'EMBL/DESY, HAMBURG' X12  0.8010 ? 
2 SYNCHROTRON 'BESSY BEAMLINE 14.2'             BESSY                14.2 0.9184 ? 
# 
_reflns.pdbx_diffrn_id               1 
_reflns.pdbx_ordinal                 1 
_reflns.entry_id                     4HIG 
_reflns.observed_criterion_sigma_I   -3.000 
_reflns.observed_criterion_sigma_F   ? 
_reflns.d_resolution_low             25.57 
_reflns.d_resolution_high            0.75 
_reflns.number_obs                   47730 
_reflns.number_all                   ? 
_reflns.percent_possible_obs         79.9 
_reflns.pdbx_Rmerge_I_obs            0.05300 
_reflns.pdbx_Rsym_value              ? 
_reflns.pdbx_netI_over_sigmaI        19.2800 
_reflns.B_iso_Wilson_estimate        4.756 
_reflns.pdbx_redundancy              3.280 
_reflns.R_free_details               ? 
_reflns.pdbx_chi_squared             ? 
_reflns.pdbx_scaling_rejects         ? 
# 
_reflns_shell.pdbx_diffrn_id         1 
_reflns_shell.pdbx_ordinal           1 
_reflns_shell.d_res_high             0.75 
_reflns_shell.d_res_low              0.77 
_reflns_shell.percent_possible_all   10.6 
_reflns_shell.Rmerge_I_obs           0.03800 
_reflns_shell.pdbx_Rsym_value        ? 
_reflns_shell.meanI_over_sigI_obs    11.390 
_reflns_shell.pdbx_redundancy        1.15 
_reflns_shell.percent_possible_obs   ? 
_reflns_shell.number_unique_all      ? 
_reflns_shell.number_measured_all    ? 
_reflns_shell.number_measured_obs    ? 
_reflns_shell.number_unique_obs      ? 
_reflns_shell.pdbx_chi_squared       ? 
# 
_refine.pdbx_refine_id                           'X-RAY DIFFRACTION' 
_refine.entry_id                                 4HIG 
_refine.pdbx_diffrn_id                           1 
_refine.pdbx_TLS_residual_ADP_flag               ? 
_refine.ls_number_reflns_obs                     ? 
_refine.ls_number_reflns_all                     47730 
_refine.pdbx_ls_sigma_I                          ? 
_refine.pdbx_ls_sigma_F                          ? 
_refine.pdbx_data_cutoff_high_absF               ? 
_refine.pdbx_data_cutoff_low_absF                ? 
_refine.pdbx_data_cutoff_high_rms_absF           ? 
_refine.ls_d_res_low                             25.57 
_refine.ls_d_res_high                            0.75 
_refine.ls_percent_reflns_obs                    79.9 
_refine.ls_R_factor_obs                          0.071 
_refine.ls_R_factor_all                          0.071 
_refine.ls_R_factor_R_work                       ? 
_refine.ls_R_factor_R_free                       0.081 
_refine.ls_R_factor_R_free_error                 ? 
_refine.ls_R_factor_R_free_error_details         ? 
_refine.ls_percent_reflns_R_free                 2.11 
_refine.ls_number_reflns_R_free                  1009 
_refine.ls_number_parameters                     3409 
_refine.ls_number_restraints                     1139 
_refine.occupancy_min                            ? 
_refine.occupancy_max                            ? 
_refine.correlation_coeff_Fo_to_Fc               ? 
_refine.correlation_coeff_Fo_to_Fc_free          ? 
_refine.B_iso_mean                               ? 
_refine.aniso_B[1][1]                            ? 
_refine.aniso_B[2][2]                            ? 
_refine.aniso_B[3][3]                            ? 
_refine.aniso_B[1][2]                            ? 
_refine.aniso_B[1][3]                            ? 
_refine.aniso_B[2][3]                            ? 
_refine.solvent_model_details                    'MOEWS & KRETSINGER, J.MOL.BIOL.(1975) 91, 201.' 
_refine.solvent_model_param_ksol                 ? 
_refine.solvent_model_param_bsol                 ? 
_refine.pdbx_solvent_vdw_probe_radii             ? 
_refine.pdbx_solvent_ion_probe_radii             ? 
_refine.pdbx_solvent_shrinkage_radii             ? 
_refine.pdbx_ls_cross_valid_method               'FREE R' 
_refine.details                                  
;THE REFINEMENT WAS CARRIED OUT AGAINST SEPARATE BIJVOET PAIRS. ANISOTROPIC ADPS. ANISOTROPIC REFINEMENT REDUCED FREE R-FACTOR FROM 0.1295 TO 0.0903. HYDROGEN ATOMS WERE ADDED AT RIDING POSITIONS. THE FINAL REFINEMENT WAS CALCULATED USING WEIGHTED FULL MATRIX LEAST-SQUARES PROCEDURE.
;
_refine.pdbx_starting_model                      1I0T 
_refine.pdbx_method_to_determine_struct          'MOLECULAR REPLACEMENT' 
_refine.pdbx_isotropic_thermal_model             ? 
_refine.pdbx_stereochemistry_target_values       ? 
_refine.pdbx_stereochem_target_val_spec_case     ? 
_refine.pdbx_R_Free_selection_details            RANDOM 
_refine.pdbx_overall_ESU_R                       ? 
_refine.pdbx_overall_ESU_R_Free                  ? 
_refine.overall_SU_ML                            ? 
_refine.pdbx_overall_phase_error                 ? 
_refine.overall_SU_B                             ? 
_refine.overall_SU_R_Cruickshank_DPI             ? 
_refine.pdbx_overall_SU_R_free_Cruickshank_DPI   ? 
_refine.pdbx_overall_SU_R_Blow_DPI               ? 
_refine.pdbx_overall_SU_R_free_Blow_DPI          ? 
_refine.ls_redundancy_reflns_obs                 ? 
_refine.overall_SU_R_free                        ? 
_refine.ls_wR_factor_R_free                      ? 
_refine.ls_wR_factor_R_work                      ? 
_refine.overall_FOM_free_R_set                   ? 
_refine.overall_FOM_work_R_set                   ? 
# 
_refine_analyze.pdbx_refine_id                  'X-RAY DIFFRACTION' 
_refine_analyze.entry_id                        4HIG 
_refine_analyze.Luzzati_coordinate_error_obs    ? 
_refine_analyze.Luzzati_sigma_a_obs             ? 
_refine_analyze.Luzzati_d_res_low_obs           ? 
_refine_analyze.Luzzati_coordinate_error_free   ? 
_refine_analyze.Luzzati_sigma_a_free            ? 
_refine_analyze.Luzzati_d_res_low_free          ? 
_refine_analyze.number_disordered_residues      1 
_refine_analyze.occupancy_sum_hydrogen          164.00 
_refine_analyze.occupancy_sum_non_hydrogen      332.97 
# 
_refine_hist.pdbx_refine_id                   'X-RAY DIFFRACTION' 
_refine_hist.cycle_id                         LAST 
_refine_hist.pdbx_number_atoms_protein        0 
_refine_hist.pdbx_number_atoms_nucleic_acid   240 
_refine_hist.pdbx_number_atoms_ligand         15 
_refine_hist.number_atoms_solvent             92 
_refine_hist.number_atoms_total               347 
_refine_hist.d_res_high                       0.75 
_refine_hist.d_res_low                        25.57 
# 
loop_
_refine_ls_restr.type 
_refine_ls_restr.dev_ideal 
_refine_ls_restr.dev_ideal_target 
_refine_ls_restr.weight 
_refine_ls_restr.number 
_refine_ls_restr.pdbx_refine_id 
_refine_ls_restr.pdbx_restraint_function 
s_bond_d               0.012 ? ? ? 'X-RAY DIFFRACTION' ? 
s_angle_d              0.029 ? ? ? 'X-RAY DIFFRACTION' ? 
s_similar_dist         0.000 ? ? ? 'X-RAY DIFFRACTION' ? 
s_from_restr_planes    0.000 ? ? ? 'X-RAY DIFFRACTION' ? 
s_zero_chiral_vol      0.000 ? ? ? 'X-RAY DIFFRACTION' ? 
s_non_zero_chiral_vol  0.000 ? ? ? 'X-RAY DIFFRACTION' ? 
s_anti_bump_dis_restr  0.028 ? ? ? 'X-RAY DIFFRACTION' ? 
s_rigid_bond_adp_cmpnt 0.004 ? ? ? 'X-RAY DIFFRACTION' ? 
s_similar_adp_cmpnt    0.037 ? ? ? 'X-RAY DIFFRACTION' ? 
s_approx_iso_adps      0.069 ? ? ? 'X-RAY DIFFRACTION' ? 
# 
_pdbx_refine.pdbx_refine_id                              'X-RAY DIFFRACTION' 
_pdbx_refine.entry_id                                    4HIG 
_pdbx_refine.R_factor_all_no_cutoff                      0.071 
_pdbx_refine.R_factor_obs_no_cutoff                      0.071 
_pdbx_refine.free_R_factor_no_cutoff                     0.081 
_pdbx_refine.free_R_error_no_cutoff                      ? 
_pdbx_refine.free_R_val_test_set_size_perc_no_cutoff     2.11 
_pdbx_refine.free_R_val_test_set_ct_no_cutoff            1009 
_pdbx_refine.R_factor_all_4sig_cutoff                    0.071 
_pdbx_refine.R_factor_obs_4sig_cutoff                    0.071 
_pdbx_refine.free_R_factor_4sig_cutoff                   0.079 
_pdbx_refine.free_R_val_test_set_size_perc_4sig_cutoff   2.11 
_pdbx_refine.free_R_val_test_set_ct_4sig_cutoff          1005 
_pdbx_refine.number_reflns_obs_4sig_cutoff               47641 
# 
_struct.entry_id                  4HIG 
_struct.title                     'Ultrahigh-resolution crystal structure of Z-DNA in complex with Mn2+ ion.' 
_struct.pdbx_model_details        ? 
_struct.pdbx_CASP_flag            ? 
_struct.pdbx_model_type_details   ? 
# 
_struct_keywords.entry_id        4HIG 
_struct_keywords.pdbx_keywords   DNA 
_struct_keywords.text            'self-complementary DNA, Z-DNA, DNA' 
# 
loop_
_struct_asym.id 
_struct_asym.pdbx_blank_PDB_chainid_flag 
_struct_asym.pdbx_modified 
_struct_asym.entity_id 
_struct_asym.details 
A N N 1 ? 
B N N 1 ? 
C N N 2 ? 
D N N 3 ? 
E N N 4 ? 
F N N 4 ? 
# 
_struct_biol.id        1 
_struct_biol.details   ? 
# 
loop_
_struct_conn.id 
_struct_conn.conn_type_id 
_struct_conn.pdbx_leaving_atom_flag 
_struct_conn.pdbx_PDB_id 
_struct_conn.ptnr1_label_asym_id 
_struct_conn.ptnr1_label_comp_id 
_struct_conn.ptnr1_label_seq_id 
_struct_conn.ptnr1_label_atom_id 
_struct_conn.pdbx_ptnr1_label_alt_id 
_struct_conn.pdbx_ptnr1_PDB_ins_code 
_struct_conn.pdbx_ptnr1_standard_comp_id 
_struct_conn.ptnr1_symmetry 
_struct_conn.ptnr2_label_asym_id 
_struct_conn.ptnr2_label_comp_id 
_struct_conn.ptnr2_label_seq_id 
_struct_conn.ptnr2_label_atom_id 
_struct_conn.pdbx_ptnr2_label_alt_id 
_struct_conn.pdbx_ptnr2_PDB_ins_code 
_struct_conn.ptnr1_auth_asym_id 
_struct_conn.ptnr1_auth_comp_id 
_struct_conn.ptnr1_auth_seq_id 
_struct_conn.ptnr2_auth_asym_id 
_struct_conn.ptnr2_auth_comp_id 
_struct_conn.ptnr2_auth_seq_id 
_struct_conn.ptnr2_symmetry 
_struct_conn.pdbx_ptnr3_label_atom_id 
_struct_conn.pdbx_ptnr3_label_seq_id 
_struct_conn.pdbx_ptnr3_label_comp_id 
_struct_conn.pdbx_ptnr3_label_asym_id 
_struct_conn.pdbx_ptnr3_label_alt_id 
_struct_conn.pdbx_ptnr3_PDB_ins_code 
_struct_conn.details 
_struct_conn.pdbx_dist_value 
_struct_conn.pdbx_value_order 
_struct_conn.pdbx_role 
metalc1  metalc ? ? A DG 6 N7 ? ? ? 1_555 D MN  . MN ? ? A DG 6   A MN  102 1_555 ? ? ? ? ? ? ?            2.258 ? ? 
metalc2  metalc ? ? D MN . MN ? ? ? 1_555 E HOH . O  A ? A MN 102 A HOH 203 1_555 ? ? ? ? ? ? ?            2.076 ? ? 
metalc3  metalc ? ? D MN . MN ? ? ? 1_555 E HOH . O  B ? A MN 102 A HOH 203 1_555 ? ? ? ? ? ? ?            2.310 ? ? 
metalc4  metalc ? ? D MN . MN ? ? ? 1_555 E HOH . O  A ? A MN 102 A HOH 216 1_555 ? ? ? ? ? ? ?            2.186 ? ? 
metalc5  metalc ? ? D MN . MN ? ? ? 1_555 E HOH . O  B ? A MN 102 A HOH 216 1_555 ? ? ? ? ? ? ?            2.256 ? ? 
metalc6  metalc ? ? D MN . MN ? ? ? 1_555 E HOH . O  B ? A MN 102 A HOH 250 1_555 ? ? ? ? ? ? ?            1.947 ? ? 
metalc7  metalc ? ? D MN . MN ? ? ? 1_555 E HOH . O  A ? A MN 102 A HOH 250 1_555 ? ? ? ? ? ? ?            2.207 ? ? 
metalc8  metalc ? ? D MN . MN ? ? ? 1_555 E HOH . O  ? ? A MN 102 A HOH 251 1_555 ? ? ? ? ? ? ?            2.159 ? ? 
metalc9  metalc ? ? D MN . MN ? ? ? 1_555 E HOH . O  ? ? A MN 102 A HOH 252 1_555 ? ? ? ? ? ? ?            2.138 ? ? 
hydrog1  hydrog ? ? A DC 1 N3 ? ? ? 1_555 B DG  6 N1 ? ? A DC 1   B DG  12  1_555 ? ? ? ? ? ? WATSON-CRICK ?     ? ? 
hydrog2  hydrog ? ? A DC 1 N4 ? ? ? 1_555 B DG  6 O6 ? ? A DC 1   B DG  12  1_555 ? ? ? ? ? ? WATSON-CRICK ?     ? ? 
hydrog3  hydrog ? ? A DC 1 O2 ? ? ? 1_555 B DG  6 N2 ? ? A DC 1   B DG  12  1_555 ? ? ? ? ? ? WATSON-CRICK ?     ? ? 
hydrog4  hydrog ? ? A DG 2 N1 ? ? ? 1_555 B DC  5 N3 ? ? A DG 2   B DC  11  1_555 ? ? ? ? ? ? WATSON-CRICK ?     ? ? 
hydrog5  hydrog ? ? A DG 2 N2 ? ? ? 1_555 B DC  5 O2 ? ? A DG 2   B DC  11  1_555 ? ? ? ? ? ? WATSON-CRICK ?     ? ? 
hydrog6  hydrog ? ? A DG 2 O6 ? ? ? 1_555 B DC  5 N4 ? ? A DG 2   B DC  11  1_555 ? ? ? ? ? ? WATSON-CRICK ?     ? ? 
hydrog7  hydrog ? ? A DC 3 N3 ? ? ? 1_555 B DG  4 N1 ? ? A DC 3   B DG  10  1_555 ? ? ? ? ? ? WATSON-CRICK ?     ? ? 
hydrog8  hydrog ? ? A DC 3 N4 ? ? ? 1_555 B DG  4 O6 ? ? A DC 3   B DG  10  1_555 ? ? ? ? ? ? WATSON-CRICK ?     ? ? 
hydrog9  hydrog ? ? A DC 3 O2 ? ? ? 1_555 B DG  4 N2 ? ? A DC 3   B DG  10  1_555 ? ? ? ? ? ? WATSON-CRICK ?     ? ? 
hydrog10 hydrog ? ? A DG 4 N1 ? ? ? 1_555 B DC  3 N3 ? ? A DG 4   B DC  9   1_555 ? ? ? ? ? ? WATSON-CRICK ?     ? ? 
hydrog11 hydrog ? ? A DG 4 N2 ? ? ? 1_555 B DC  3 O2 ? ? A DG 4   B DC  9   1_555 ? ? ? ? ? ? WATSON-CRICK ?     ? ? 
hydrog12 hydrog ? ? A DG 4 O6 ? ? ? 1_555 B DC  3 N4 ? ? A DG 4   B DC  9   1_555 ? ? ? ? ? ? WATSON-CRICK ?     ? ? 
hydrog13 hydrog ? ? A DC 5 N3 ? ? ? 1_555 B DG  2 N1 ? ? A DC 5   B DG  8   1_555 ? ? ? ? ? ? WATSON-CRICK ?     ? ? 
hydrog14 hydrog ? ? A DC 5 N4 ? ? ? 1_555 B DG  2 O6 ? ? A DC 5   B DG  8   1_555 ? ? ? ? ? ? WATSON-CRICK ?     ? ? 
hydrog15 hydrog ? ? A DC 5 O2 ? ? ? 1_555 B DG  2 N2 ? ? A DC 5   B DG  8   1_555 ? ? ? ? ? ? WATSON-CRICK ?     ? ? 
hydrog16 hydrog ? ? A DG 6 N1 ? ? ? 1_555 B DC  1 N3 ? ? A DG 6   B DC  7   1_555 ? ? ? ? ? ? WATSON-CRICK ?     ? ? 
hydrog17 hydrog ? ? A DG 6 N2 ? ? ? 1_555 B DC  1 O2 ? ? A DG 6   B DC  7   1_555 ? ? ? ? ? ? WATSON-CRICK ?     ? ? 
hydrog18 hydrog ? ? A DG 6 O6 ? ? ? 1_555 B DC  1 N4 ? ? A DG 6   B DC  7   1_555 ? ? ? ? ? ? WATSON-CRICK ?     ? ? 
# 
loop_
_struct_conn_type.id 
_struct_conn_type.criteria 
_struct_conn_type.reference 
metalc ? ? 
hydrog ? ? 
# 
loop_
_struct_site.id 
_struct_site.pdbx_evidence_code 
_struct_site.pdbx_auth_asym_id 
_struct_site.pdbx_auth_comp_id 
_struct_site.pdbx_auth_seq_id 
_struct_site.pdbx_auth_ins_code 
_struct_site.pdbx_num_residues 
_struct_site.details 
AC1 Software A SPK 101 ? 17 'BINDING SITE FOR RESIDUE SPK A 101' 
AC2 Software A MN  102 ? 6  'BINDING SITE FOR RESIDUE MN A 102'  
# 
loop_
_struct_site_gen.id 
_struct_site_gen.site_id 
_struct_site_gen.pdbx_num_res 
_struct_site_gen.label_comp_id 
_struct_site_gen.label_asym_id 
_struct_site_gen.label_seq_id 
_struct_site_gen.pdbx_auth_ins_code 
_struct_site_gen.auth_comp_id 
_struct_site_gen.auth_asym_id 
_struct_site_gen.auth_seq_id 
_struct_site_gen.label_atom_id 
_struct_site_gen.label_alt_id 
_struct_site_gen.symmetry 
_struct_site_gen.details 
1  AC1 17 DG  A 2 ? DG  A 2   . ? 4_456 ? 
2  AC1 17 DG  A 4 ? DG  A 4   . ? 1_555 ? 
3  AC1 17 DG  A 4 ? DG  A 4   . ? 3_746 ? 
4  AC1 17 DC  A 5 ? DC  A 5   . ? 1_555 ? 
5  AC1 17 DG  A 6 ? DG  A 6   . ? 1_555 ? 
6  AC1 17 DG  A 6 ? DG  A 6   . ? 3_646 ? 
7  AC1 17 HOH E . ? HOH A 207 . ? 1_555 ? 
8  AC1 17 HOH E . ? HOH A 214 . ? 3_646 ? 
9  AC1 17 HOH E . ? HOH A 233 . ? 3_746 ? 
10 AC1 17 DC  B 1 ? DC  B 7   . ? 3_746 ? 
11 AC1 17 DG  B 2 ? DG  B 8   . ? 3_746 ? 
12 AC1 17 DC  B 3 ? DC  B 9   . ? 3_646 ? 
13 AC1 17 HOH F . ? HOH B 111 . ? 3_646 ? 
14 AC1 17 HOH F . ? HOH B 112 . ? 3_646 ? 
15 AC1 17 HOH F . ? HOH B 113 . ? 3_746 ? 
16 AC1 17 HOH F . ? HOH B 123 . ? 3_646 ? 
17 AC1 17 HOH F . ? HOH B 126 . ? 3_646 ? 
18 AC2 6  DG  A 6 ? DG  A 6   . ? 1_555 ? 
19 AC2 6  HOH E . ? HOH A 203 . ? 1_555 ? 
20 AC2 6  HOH E . ? HOH A 216 . ? 1_555 ? 
21 AC2 6  HOH E . ? HOH A 250 . ? 1_555 ? 
22 AC2 6  HOH E . ? HOH A 251 . ? 1_555 ? 
23 AC2 6  HOH E . ? HOH A 252 . ? 1_555 ? 
# 
_atom_sites.entry_id                    4HIG 
_atom_sites.fract_transf_matrix[1][1]   -0.05014785 
_atom_sites.fract_transf_matrix[1][2]   0.02428790 
_atom_sites.fract_transf_matrix[1][3]   0.00869986 
_atom_sites.fract_transf_matrix[2][1]   0.00618589 
_atom_sites.fract_transf_matrix[2][2]   0.00160995 
_atom_sites.fract_transf_matrix[2][3]   0.03116220 
_atom_sites.fract_transf_matrix[3][1]   0.00942495 
_atom_sites.fract_transf_matrix[3][2]   0.02050964 
_atom_sites.fract_transf_matrix[3][3]   -0.00293051 
_atom_sites.fract_transf_vector[1]      0.757698 
_atom_sites.fract_transf_vector[2]      0.471500 
_atom_sites.fract_transf_vector[3]      0.627124 
# 
loop_
_atom_type.symbol 
C  
MN 
N  
O  
P  
# 
loop_
_atom_site.group_PDB 
_atom_site.id 
_atom_site.type_symbol 
_atom_site.label_atom_id 
_atom_site.label_alt_id 
_atom_site.label_comp_id 
_atom_site.label_asym_id 
_atom_site.label_entity_id 
_atom_site.label_seq_id 
_atom_site.pdbx_PDB_ins_code 
_atom_site.Cartn_x 
_atom_site.Cartn_y 
_atom_site.Cartn_z 
_atom_site.occupancy 
_atom_site.B_iso_or_equiv 
_atom_site.pdbx_formal_charge 
_atom_site.auth_seq_id 
_atom_site.auth_comp_id 
_atom_site.auth_asym_id 
_atom_site.auth_atom_id 
_atom_site.pdbx_PDB_model_num 
ATOM   1   O  "O5'" . DC  A 1 1 ? -8.472  -6.153  5.158   1.00 2.27  ? 1   DC  A "O5'" 1 
ATOM   2   C  "C5'" . DC  A 1 1 ? -8.521  -5.194  4.109   1.00 1.96  ? 1   DC  A "C5'" 1 
ATOM   3   C  "C4'" . DC  A 1 1 ? -7.689  -5.569  2.910   1.00 1.86  ? 1   DC  A "C4'" 1 
ATOM   4   O  "O4'" . DC  A 1 1 ? -6.301  -5.572  3.268   1.00 2.43  ? 1   DC  A "O4'" 1 
ATOM   5   C  "C3'" . DC  A 1 1 ? -7.974  -6.958  2.314   1.00 2.22  ? 1   DC  A "C3'" 1 
ATOM   6   O  "O3'" . DC  A 1 1 ? -7.807  -6.949  0.903   1.00 2.61  ? 1   DC  A "O3'" 1 
ATOM   7   C  "C2'" . DC  A 1 1 ? -6.861  -7.809  2.898   1.00 2.40  ? 1   DC  A "C2'" 1 
ATOM   8   C  "C1'" . DC  A 1 1 ? -5.703  -6.812  2.973   1.00 2.26  ? 1   DC  A "C1'" 1 
ATOM   9   N  N1    . DC  A 1 1 ? -4.767  -7.123  4.041   1.00 2.20  ? 1   DC  A N1    1 
ATOM   10  C  C2    . DC  A 1 1 ? -3.623  -7.869  3.750   1.00 2.23  ? 1   DC  A C2    1 
ATOM   11  O  O2    . DC  A 1 1 ? -3.440  -8.245  2.583   1.00 3.02  ? 1   DC  A O2    1 
ATOM   12  N  N3    . DC  A 1 1 ? -2.757  -8.152  4.745   1.00 2.16  ? 1   DC  A N3    1 
ATOM   13  C  C4    . DC  A 1 1 ? -3.002  -7.741  5.990   1.00 2.32  ? 1   DC  A C4    1 
ATOM   14  N  N4    . DC  A 1 1 ? -2.110  -8.022  6.938   1.00 2.51  ? 1   DC  A N4    1 
ATOM   15  C  C5    . DC  A 1 1 ? -4.196  -7.027  6.308   1.00 2.98  ? 1   DC  A C5    1 
ATOM   16  C  C6    . DC  A 1 1 ? -5.033  -6.744  5.306   1.00 2.78  ? 1   DC  A C6    1 
ATOM   17  P  P     . DG  A 1 2 ? -9.019  -6.635  -0.095  1.00 2.81  ? 2   DG  A P     1 
ATOM   18  O  OP1   . DG  A 1 2 ? -10.297 -7.204  0.386   1.00 3.53  ? 2   DG  A OP1   1 
ATOM   19  O  OP2   . DG  A 1 2 ? -8.523  -7.073  -1.428  1.00 4.75  ? 2   DG  A OP2   1 
ATOM   20  O  "O5'" . DG  A 1 2 ? -9.235  -5.066  -0.024  1.00 2.76  ? 2   DG  A "O5'" 1 
ATOM   21  C  "C5'" . DG  A 1 2 ? -8.218  -4.164  -0.437  1.00 2.98  ? 2   DG  A "C5'" 1 
ATOM   22  C  "C4'" . DG  A 1 2 ? -8.640  -2.788  -0.002  1.00 2.95  ? 2   DG  A "C4'" 1 
ATOM   23  O  "O4'" . DG  A 1 2 ? -8.801  -2.761  1.416   1.00 2.56  ? 2   DG  A "O4'" 1 
ATOM   24  C  "C3'" . DG  A 1 2 ? -7.621  -1.701  -0.304  1.00 3.36  ? 2   DG  A "C3'" 1 
ATOM   25  O  "O3'" . DG  A 1 2 ? -7.852  -1.177  -1.629  1.00 4.82  ? 2   DG  A "O3'" 1 
ATOM   26  C  "C2'" . DG  A 1 2 ? -7.863  -0.695  0.778   1.00 3.59  ? 2   DG  A "C2'" 1 
ATOM   27  C  "C1'" . DG  A 1 2 ? -8.453  -1.490  1.939   1.00 2.95  ? 2   DG  A "C1'" 1 
ATOM   28  N  N9    . DG  A 1 2 ? -7.577  -1.687  3.074   1.00 2.67  ? 2   DG  A N9    1 
ATOM   29  C  C8    . DG  A 1 2 ? -7.886  -1.450  4.386   1.00 3.27  ? 2   DG  A C8    1 
ATOM   30  N  N7    . DG  A 1 2 ? -6.972  -1.843  5.227   1.00 3.14  ? 2   DG  A N7    1 
ATOM   31  C  C5    . DG  A 1 2 ? -5.986  -2.400  4.415   1.00 2.31  ? 2   DG  A C5    1 
ATOM   32  C  C6    . DG  A 1 2 ? -4.750  -2.989  4.753   1.00 2.18  ? 2   DG  A C6    1 
ATOM   33  O  O6    . DG  A 1 2 ? -4.267  -3.100  5.885   1.00 2.64  ? 2   DG  A O6    1 
ATOM   34  N  N1    . DG  A 1 2 ? -4.085  -3.446  3.627   1.00 1.81  ? 2   DG  A N1    1 
ATOM   35  C  C2    . DG  A 1 2 ? -4.548  -3.369  2.351   1.00 1.83  ? 2   DG  A C2    1 
ATOM   36  N  N2    . DG  A 1 2 ? -3.785  -3.909  1.400   1.00 2.13  ? 2   DG  A N2    1 
ATOM   37  N  N3    . DG  A 1 2 ? -5.683  -2.782  2.005   1.00 2.01  ? 2   DG  A N3    1 
ATOM   38  C  C4    . DG  A 1 2 ? -6.351  -2.327  3.087   1.00 2.09  ? 2   DG  A C4    1 
ATOM   39  P  P     . DC  A 1 3 ? -6.782  -1.383  -2.796  1.00 4.65  ? 3   DC  A P     1 
ATOM   40  O  OP1   . DC  A 1 3 ? -7.438  -0.873  -4.039  1.00 7.66  ? 3   DC  A OP1   1 
ATOM   41  O  OP2   . DC  A 1 3 ? -6.291  -2.753  -2.819  1.00 5.76  ? 3   DC  A OP2   1 
ATOM   42  O  "O5'" . DC  A 1 3 ? -5.662  -0.373  -2.323  1.00 4.09  ? 3   DC  A "O5'" 1 
ATOM   43  C  "C5'" . DC  A 1 3 ? -4.807  0.330   -3.273  1.00 3.31  ? 3   DC  A "C5'" 1 
ATOM   44  C  "C4'" . DC  A 1 3 ? -3.367  -0.001  -3.040  1.00 2.97  ? 3   DC  A "C4'" 1 
ATOM   45  O  "O4'" . DC  A 1 3 ? -2.954  0.479   -1.770  1.00 3.15  ? 3   DC  A "O4'" 1 
ATOM   46  C  "C3'" . DC  A 1 3 ? -3.019  -1.502  -3.061  1.00 3.36  ? 3   DC  A "C3'" 1 
ATOM   47  O  "O3'" . DC  A 1 3 ? -1.704  -1.675  -3.621  1.00 4.14  ? 3   DC  A "O3'" 1 
ATOM   48  C  "C2'" . DC  A 1 3 ? -2.917  -1.836  -1.593  1.00 3.58  ? 3   DC  A "C2'" 1 
ATOM   49  C  "C1'" . DC  A 1 3 ? -2.354  -0.533  -1.018  1.00 2.99  ? 3   DC  A "C1'" 1 
ATOM   50  N  N1    . DC  A 1 3 ? -2.705  -0.343  0.386   1.00 2.74  ? 3   DC  A N1    1 
ATOM   51  C  C2    . DC  A 1 3 ? -1.839  -0.852  1.363   1.00 2.51  ? 3   DC  A C2    1 
ATOM   52  O  O2    . DC  A 1 3 ? -0.823  -1.452  1.014   1.00 3.00  ? 3   DC  A O2    1 
ATOM   53  N  N3    . DC  A 1 3 ? -2.166  -0.669  2.652   1.00 2.35  ? 3   DC  A N3    1 
ATOM   54  C  C4    . DC  A 1 3 ? -3.315  -0.054  2.991   1.00 2.49  ? 3   DC  A C4    1 
ATOM   55  N  N4    . DC  A 1 3 ? -3.592  0.080   4.268   1.00 3.04  ? 3   DC  A N4    1 
ATOM   56  C  C5    . DC  A 1 3 ? -4.210  0.426   2.005   1.00 3.08  ? 3   DC  A C5    1 
ATOM   57  C  C6    . DC  A 1 3 ? -3.845  0.265   0.718   1.00 3.21  ? 3   DC  A C6    1 
ATOM   58  P  P     . DG  A 1 4 ? -1.493  -2.060  -5.154  1.00 4.94  ? 4   DG  A P     1 
ATOM   59  O  OP1   . DG  A 1 4 ? -2.513  -3.045  -5.601  1.00 7.54  ? 4   DG  A OP1   1 
ATOM   60  O  OP2   . DG  A 1 4 ? -0.029  -2.338  -5.209  1.00 9.78  ? 4   DG  A OP2   1 
ATOM   61  O  "O5'" . DG  A 1 4 ? -1.842  -0.735  -5.957  1.00 3.56  ? 4   DG  A "O5'" 1 
ATOM   62  C  "C5'" . DG  A 1 4 ? -0.964  0.395   -5.853  1.00 3.01  ? 4   DG  A "C5'" 1 
ATOM   63  C  "C4'" . DG  A 1 4 ? -1.620  1.555   -6.520  1.00 2.17  ? 4   DG  A "C4'" 1 
ATOM   64  O  "O4'" . DG  A 1 4 ? -2.859  1.841   -5.875  1.00 2.13  ? 4   DG  A "O4'" 1 
ATOM   65  C  "C3'" . DG  A 1 4 ? -0.813  2.835   -6.460  1.00 1.77  ? 4   DG  A "C3'" 1 
ATOM   66  O  "O3'" . DG  A 1 4 ? 0.010   2.856   -7.625  1.00 2.01  ? 4   DG  A "O3'" 1 
ATOM   67  C  "C2'" . DG  A 1 4 ? -1.871  3.930   -6.427  1.00 2.35  ? 4   DG  A "C2'" 1 
ATOM   68  C  "C1'" . DG  A 1 4 ? -3.111  3.239   -5.862  1.00 2.21  ? 4   DG  A "C1'" 1 
ATOM   69  N  N9    . DG  A 1 4 ? -3.471  3.614   -4.506  1.00 2.06  ? 4   DG  A N9    1 
ATOM   70  C  C8    . DG  A 1 4 ? -4.680  4.169   -4.145  1.00 2.69  ? 4   DG  A C8    1 
ATOM   71  N  N7    . DG  A 1 4 ? -4.802  4.357   -2.863  1.00 2.76  ? 4   DG  A N7    1 
ATOM   72  C  C5    . DG  A 1 4 ? -3.600  3.882   -2.340  1.00 2.01  ? 4   DG  A C5    1 
ATOM   73  C  C6    . DG  A 1 4 ? -3.176  3.779   -0.994  1.00 2.14  ? 4   DG  A C6    1 
ATOM   74  O  O6    . DG  A 1 4 ? -3.829  4.098   0.021   1.00 2.82  ? 4   DG  A O6    1 
ATOM   75  N  N1    . DG  A 1 4 ? -1.925  3.226   -0.894  1.00 1.89  ? 4   DG  A N1    1 
ATOM   76  C  C2    . DG  A 1 4 ? -1.178  2.773   -1.951  1.00 1.79  ? 4   DG  A C2    1 
ATOM   77  N  N2    . DG  A 1 4 ? 0.003   2.226   -1.630  1.00 2.04  ? 4   DG  A N2    1 
ATOM   78  N  N3    . DG  A 1 4 ? -1.542  2.874   -3.217  1.00 1.77  ? 4   DG  A N3    1 
ATOM   79  C  C4    . DG  A 1 4 ? -2.776  3.429   -3.337  1.00 1.70  ? 4   DG  A C4    1 
ATOM   80  P  P     . DC  A 1 5 ? 1.023   4.040   -7.942  1.00 1.82  ? 5   DC  A P     1 
ATOM   81  O  OP1   . DC  A 1 5 ? 0.342   5.349   -7.931  1.00 2.91  ? 5   DC  A OP1   1 
ATOM   82  O  OP2   . DC  A 1 5 ? 1.729   3.633   -9.193  1.00 2.61  ? 5   DC  A OP2   1 
ATOM   83  O  "O5'" . DC  A 1 5 ? 2.009   3.908   -6.688  1.00 1.77  ? 5   DC  A "O5'" 1 
ATOM   84  C  "C5'" . DC  A 1 5 ? 3.240   4.640   -6.717  1.00 1.66  ? 5   DC  A "C5'" 1 
ATOM   85  C  "C4'" . DC  A 1 5 ? 3.882   4.561   -5.349  1.00 1.33  ? 5   DC  A "C4'" 1 
ATOM   86  O  "O4'" . DC  A 1 5 ? 3.176   5.438   -4.456  1.00 1.43  ? 5   DC  A "O4'" 1 
ATOM   87  C  "C3'" . DC  A 1 5 ? 3.851   3.176   -4.719  1.00 1.47  ? 5   DC  A "C3'" 1 
ATOM   88  O  "O3'" . DC  A 1 5 ? 5.082   2.926   -3.995  1.00 1.66  ? 5   DC  A "O3'" 1 
ATOM   89  C  "C2'" . DC  A 1 5 ? 2.738   3.283   -3.682  1.00 1.36  ? 5   DC  A "C2'" 1 
ATOM   90  C  "C1'" . DC  A 1 5 ? 2.788   4.750   -3.290  1.00 1.28  ? 5   DC  A "C1'" 1 
ATOM   91  N  N1    . DC  A 1 5 ? 1.497   5.313   -2.874  1.00 1.25  ? 5   DC  A N1    1 
ATOM   92  C  C2    . DC  A 1 5 ? 1.195   5.423   -1.524  1.00 1.20  ? 5   DC  A C2    1 
ATOM   93  O  O2    . DC  A 1 5 ? 2.017   5.039   -0.676  1.00 1.66  ? 5   DC  A O2    1 
ATOM   94  N  N3    . DC  A 1 5 ? -0.001  5.958   -1.160  1.00 1.29  ? 5   DC  A N3    1 
ATOM   95  C  C4    . DC  A 1 5 ? -0.868  6.362   -2.096  1.00 1.32  ? 5   DC  A C4    1 
ATOM   96  N  N4    . DC  A 1 5 ? -2.022  6.872   -1.695  1.00 1.69  ? 5   DC  A N4    1 
ATOM   97  C  C5    . DC  A 1 5 ? -0.583  6.246   -3.478  1.00 1.70  ? 5   DC  A C5    1 
ATOM   98  C  C6    . DC  A 1 5 ? 0.599   5.719   -3.828  1.00 1.50  ? 5   DC  A C6    1 
ATOM   99  P  P     . DG  A 1 6 ? 6.291   2.160   -4.707  1.00 1.60  ? 6   DG  A P     1 
ATOM   100 O  OP1   . DG  A 1 6 ? 5.801   1.028   -5.532  1.00 2.30  ? 6   DG  A OP1   1 
ATOM   101 O  OP2   . DG  A 1 6 ? 7.258   1.895   -3.603  1.00 2.27  ? 6   DG  A OP2   1 
ATOM   102 O  "O5'" . DG  A 1 6 ? 6.894   3.188   -5.752  1.00 1.84  ? 6   DG  A "O5'" 1 
ATOM   103 C  "C5'" . DG  A 1 6 ? 7.699   4.284   -5.336  1.00 1.78  ? 6   DG  A "C5'" 1 
ATOM   104 C  "C4'" . DG  A 1 6 ? 8.055   5.096   -6.561  1.00 1.49  ? 6   DG  A "C4'" 1 
ATOM   105 O  "O4'" . DG  A 1 6 ? 6.842   5.646   -7.116  1.00 1.74  ? 6   DG  A "O4'" 1 
ATOM   106 C  "C3'" . DG  A 1 6 ? 8.971   6.273   -6.278  1.00 1.65  ? 6   DG  A "C3'" 1 
ATOM   107 O  "O3'" . DG  A 1 6 ? 9.859   6.454   -7.385  1.00 2.05  ? 6   DG  A "O3'" 1 
ATOM   108 C  "C2'" . DG  A 1 6 ? 8.016   7.449   -6.182  1.00 1.76  ? 6   DG  A "C2'" 1 
ATOM   109 C  "C1'" . DG  A 1 6 ? 6.944   7.063   -7.181  1.00 1.62  ? 6   DG  A "C1'" 1 
ATOM   110 N  N9    . DG  A 1 6 ? 5.633   7.613   -6.913  1.00 1.48  ? 6   DG  A N9    1 
ATOM   111 C  C8    . DG  A 1 6 ? 4.755   8.031   -7.882  1.00 1.75  ? 6   DG  A C8    1 
ATOM   112 N  N7    . DG  A 1 6 ? 3.633   8.486   -7.408  1.00 1.56  ? 6   DG  A N7    1 
ATOM   113 C  C5    . DG  A 1 6 ? 3.755   8.348   -6.023  1.00 1.45  ? 6   DG  A C5    1 
ATOM   114 C  C6    . DG  A 1 6 ? 2.881   8.706   -4.969  1.00 1.63  ? 6   DG  A C6    1 
ATOM   115 O  O6    . DG  A 1 6 ? 1.778   9.262   -5.078  1.00 2.74  ? 6   DG  A O6    1 
ATOM   116 N  N1    . DG  A 1 6 ? 3.383   8.396   -3.729  1.00 1.36  ? 6   DG  A N1    1 
ATOM   117 C  C2    . DG  A 1 6 ? 4.588   7.768   -3.515  1.00 1.28  ? 6   DG  A C2    1 
ATOM   118 N  N2    . DG  A 1 6 ? 4.889   7.463   -2.254  1.00 1.72  ? 6   DG  A N2    1 
ATOM   119 N  N3    . DG  A 1 6 ? 5.453   7.478   -4.480  1.00 1.40  ? 6   DG  A N3    1 
ATOM   120 C  C4    . DG  A 1 6 ? 4.976   7.803   -5.700  1.00 1.31  ? 6   DG  A C4    1 
ATOM   121 O  "O5'" . DC  B 1 1 ? -0.757  11.269  3.478   1.00 3.52  ? 7   DC  B "O5'" 1 
ATOM   122 C  "C5'" . DC  B 1 1 ? -0.520  10.248  4.424   1.00 2.74  ? 7   DC  B "C5'" 1 
ATOM   123 C  "C4'" . DC  B 1 1 ? 0.790   9.512   4.195   1.00 1.97  ? 7   DC  B "C4'" 1 
ATOM   124 O  "O4'" . DC  B 1 1 ? 0.714   8.789   2.949   1.00 1.90  ? 7   DC  B "O4'" 1 
ATOM   125 C  "C3'" . DC  B 1 1 ? 2.027   10.377  4.098   1.00 2.09  ? 7   DC  B "C3'" 1 
ATOM   126 O  "O3'" . DC  B 1 1 ? 3.187   9.688   4.605   1.00 1.95  ? 7   DC  B "O3'" 1 
ATOM   127 C  "C2'" . DC  B 1 1 ? 2.228   10.550  2.612   1.00 1.97  ? 7   DC  B "C2'" 1 
ATOM   128 C  "C1'" . DC  B 1 1 ? 1.758   9.197   2.084   1.00 1.68  ? 7   DC  B "C1'" 1 
ATOM   129 N  N1    . DC  B 1 1 ? 1.209   9.245   0.728   1.00 1.44  ? 7   DC  B N1    1 
ATOM   130 C  C2    . DC  B 1 1 ? 1.993   8.870   -0.353  1.00 1.48  ? 7   DC  B C2    1 
ATOM   131 O  O2    . DC  B 1 1 ? 3.143   8.446   -0.160  1.00 1.77  ? 7   DC  B O2    1 
ATOM   132 N  N3    . DC  B 1 1 ? 1.504   9.003   -1.602  1.00 1.35  ? 7   DC  B N3    1 
ATOM   133 C  C4    . DC  B 1 1 ? 0.268   9.481   -1.797  1.00 1.40  ? 7   DC  B C4    1 
ATOM   134 N  N4    . DC  B 1 1 ? -0.177  9.623   -3.026  1.00 1.67  ? 7   DC  B N4    1 
ATOM   135 C  C5    . DC  B 1 1 ? -0.581  9.830   -0.683  1.00 1.70  ? 7   DC  B C5    1 
ATOM   136 C  C6    . DC  B 1 1 ? -0.061  9.715   0.528   1.00 1.63  ? 7   DC  B C6    1 
ATOM   137 P  P     . DG  B 1 2 ? 3.614   9.720   6.135   1.00 2.05  ? 8   DG  B P     1 
ATOM   138 O  OP1   . DG  B 1 2 ? 3.464   11.068  6.715   1.00 3.21  ? 8   DG  B OP1   1 
ATOM   139 O  OP2   . DG  B 1 2 ? 4.961   9.080   6.185   1.00 2.58  ? 8   DG  B OP2   1 
ATOM   140 O  "O5'" . DG  B 1 2 ? 2.562   8.799   6.881   1.00 1.91  ? 8   DG  B "O5'" 1 
ATOM   141 C  "C5'" . DG  B 1 2 ? 2.486   7.399   6.525   1.00 1.70  ? 8   DG  B "C5'" 1 
ATOM   142 C  "C4'" . DG  B 1 2 ? 1.330   6.771   7.229   1.00 1.67  ? 8   DG  B "C4'" 1 
ATOM   143 O  "O4'" . DG  B 1 2 ? 0.124   7.430   6.836   1.00 1.83  ? 8   DG  B "O4'" 1 
ATOM   144 C  "C3'" . DG  B 1 2 ? 1.148   5.314   6.860   1.00 1.61  ? 8   DG  B "C3'" 1 
ATOM   145 O  "O3'" . DG  B 1 2 ? 1.843   4.479   7.798   1.00 1.91  ? 8   DG  B "O3'" 1 
ATOM   146 C  "C2'" . DG  B 1 2 ? -0.357  5.102   6.965   1.00 1.96  ? 8   DG  B "C2'" 1 
ATOM   147 C  "C1'" . DG  B 1 2 ? -0.947  6.492   6.770   1.00 1.80  ? 8   DG  B "C1'" 1 
ATOM   148 N  N9    . DG  B 1 2 ? -1.614  6.679   5.491   1.00 1.79  ? 8   DG  B N9    1 
ATOM   149 C  C8    . DG  B 1 2 ? -2.840  7.261   5.325   1.00 2.21  ? 8   DG  B C8    1 
ATOM   150 N  N7    . DG  B 1 2 ? -3.168  7.407   4.067   1.00 2.23  ? 8   DG  B N7    1 
ATOM   151 C  C5    . DG  B 1 2 ? -2.089  6.900   3.360   1.00 1.60  ? 8   DG  B C5    1 
ATOM   152 C  C6    . DG  B 1 2 ? -1.862  6.801   1.968   1.00 1.61  ? 8   DG  B C6    1 
ATOM   153 O  O6    . DG  B 1 2 ? -2.626  7.155   1.056   1.00 2.41  ? 8   DG  B O6    1 
ATOM   154 N  N1    . DG  B 1 2 ? -0.629  6.226   1.689   1.00 1.45  ? 8   DG  B N1    1 
ATOM   155 C  C2    . DG  B 1 2 ? 0.298   5.860   2.626   1.00 1.24  ? 8   DG  B C2    1 
ATOM   156 N  N2    . DG  B 1 2 ? 1.465   5.394   2.171   1.00 1.77  ? 8   DG  B N2    1 
ATOM   157 N  N3    . DG  B 1 2 ? 0.089   5.924   3.933   1.00 1.57  ? 8   DG  B N3    1 
ATOM   158 C  C4    . DG  B 1 2 ? -1.112  6.459   4.234   1.00 1.52  ? 8   DG  B C4    1 
ATOM   159 P  P     . DC  B 1 3 ? 3.159   3.692   7.374   1.00 1.48  ? 9   DC  B P     1 
ATOM   160 O  OP1   . DC  B 1 3 ? 3.779   3.241   8.647   1.00 1.84  ? 9   DC  B OP1   1 
ATOM   161 O  OP2   . DC  B 1 3 ? 4.004   4.498   6.466   1.00 2.25  ? 9   DC  B OP2   1 
ATOM   162 O  "O5'" . DC  B 1 3 ? 2.534   2.463   6.592   1.00 2.43  ? 9   DC  B "O5'" 1 
ATOM   163 C  "C5'" . DC  B 1 3 ? 3.049   1.133   6.697   1.00 1.83  ? 9   DC  B "C5'" 1 
ATOM   164 C  "C4'" . DC  B 1 3 ? 3.171   0.531   5.317   1.00 1.58  ? 9   DC  B "C4'" 1 
ATOM   165 O  "O4'" . DC  B 1 3 ? 1.869   0.417   4.717   1.00 1.90  ? 9   DC  B "O4'" 1 
ATOM   166 C  "C3'" . DC  B 1 3 ? 4.036   1.333   4.347   1.00 1.63  ? 9   DC  B "C3'" 1 
ATOM   167 O  "O3'" . DC  B 1 3 ? 4.733   0.449   3.455   1.00 1.96  ? 9   DC  B "O3'" 1 
ATOM   168 C  "C2'" . DC  B 1 3 ? 2.996   2.074   3.511   1.00 1.91  ? 9   DC  B "C2'" 1 
ATOM   169 C  "C1'" . DC  B 1 3 ? 1.851   1.073   3.456   1.00 1.77  ? 9   DC  B "C1'" 1 
ATOM   170 N  N1    . DC  B 1 3 ? 0.533   1.712   3.309   1.00 1.74  ? 9   DC  B N1    1 
ATOM   171 C  C2    . DC  B 1 3 ? 0.109   2.022   2.015   1.00 1.85  ? 9   DC  B C2    1 
ATOM   172 O  O2    . DC  B 1 3 ? 0.828   1.695   1.062   1.00 2.32  ? 9   DC  B O2    1 
ATOM   173 N  N3    . DC  B 1 3 ? -1.068  2.648   1.849   1.00 1.80  ? 9   DC  B N3    1 
ATOM   174 C  C4    . DC  B 1 3 ? -1.814  2.989   2.905   1.00 1.86  ? 9   DC  B C4    1 
ATOM   175 N  N4    . DC  B 1 3 ? -2.959  3.632   2.698   1.00 2.28  ? 9   DC  B N4    1 
ATOM   176 C  C5    . DC  B 1 3 ? -1.397  2.674   4.242   1.00 2.24  ? 9   DC  B C5    1 
ATOM   177 C  C6    . DC  B 1 3 ? -0.221  2.060   4.387   1.00 2.12  ? 9   DC  B C6    1 
ATOM   178 P  P     . DG  B 1 4 ? 6.196   -0.089  3.781   1.00 2.04  ? 10  DG  B P     1 
ATOM   179 O  OP1   . DG  B 1 4 ? 7.037   0.970   4.399   1.00 2.30  ? 10  DG  B OP1   1 
ATOM   180 O  OP2   . DG  B 1 4 ? 6.661   -0.698  2.504   1.00 3.31  ? 10  DG  B OP2   1 
ATOM   181 O  "O5'" . DG  B 1 4 ? 6.004   -1.196  4.908   1.00 2.15  ? 10  DG  B "O5'" 1 
ATOM   182 C  "C5'" . DG  B 1 4 ? 5.259   -2.380  4.579   1.00 2.33  ? 10  DG  B "C5'" 1 
ATOM   183 C  "C4'" . DG  B 1 4 ? 5.203   -3.266  5.780   1.00 1.82  ? 10  DG  B "C4'" 1 
ATOM   184 O  "O4'" . DG  B 1 4 ? 4.534   -2.575  6.852   1.00 2.26  ? 10  DG  B "O4'" 1 
ATOM   185 C  "C3'" . DG  B 1 4 ? 4.397   -4.542  5.521   1.00 1.99  ? 10  DG  B "C3'" 1 
ATOM   186 O  "O3'" . DG  B 1 4 ? 5.288   -5.632  5.248   1.00 2.62  ? 10  DG  B "O3'" 1 
ATOM   187 C  "C2'" . DG  B 1 4 ? 3.668   -4.776  6.846   1.00 2.24  ? 10  DG  B "C2'" 1 
ATOM   188 C  "C1'" . DG  B 1 4 ? 3.595   -3.402  7.495   1.00 2.12  ? 10  DG  B "C1'" 1 
ATOM   189 N  N9    . DG  B 1 4 ? 2.278   -2.762  7.449   1.00 2.00  ? 10  DG  B N9    1 
ATOM   190 C  C8    . DG  B 1 4 ? 1.613   -2.260  8.534   1.00 2.22  ? 10  DG  B C8    1 
ATOM   191 N  N7    . DG  B 1 4 ? 0.478   -1.672  8.218   1.00 2.45  ? 10  DG  B N7    1 
ATOM   192 C  C5    . DG  B 1 4 ? 0.407   -1.795  6.829   1.00 2.07  ? 10  DG  B C5    1 
ATOM   193 C  C6    . DG  B 1 4 ? -0.570  -1.366  5.924   1.00 2.15  ? 10  DG  B C6    1 
ATOM   194 O  O6    . DG  B 1 4 ? -1.633  -0.745  6.183   1.00 2.61  ? 10  DG  B O6    1 
ATOM   195 N  N1    . DG  B 1 4 ? -0.277  -1.716  4.623   1.00 1.86  ? 10  DG  B N1    1 
ATOM   196 C  C2    . DG  B 1 4 ? 0.878   -2.352  4.226   1.00 1.80  ? 10  DG  B C2    1 
ATOM   197 N  N2    . DG  B 1 4 ? 1.035   -2.542  2.913   1.00 2.21  ? 10  DG  B N2    1 
ATOM   198 N  N3    . DG  B 1 4 ? 1.814   -2.771  5.063   1.00 1.79  ? 10  DG  B N3    1 
ATOM   199 C  C4    . DG  B 1 4 ? 1.511   -2.461  6.345   1.00 1.91  ? 10  DG  B C4    1 
ATOM   200 P  P     . DC  B 1 5 ? 5.370   -6.297  3.831   1.00 2.44  ? 11  DC  B P     1 
ATOM   201 O  OP1   . DC  B 1 5 ? 6.413   -7.351  3.918   1.00 2.97  ? 11  DC  B OP1   1 
ATOM   202 O  OP2   . DC  B 1 5 ? 5.482   -5.260  2.800   1.00 5.56  ? 11  DC  B OP2   1 
ATOM   203 O  "O5'" . DC  B 1 5 ? 3.962   -7.001  3.731   1.00 4.67  ? 11  DC  B "O5'" 1 
ATOM   204 C  "C5'" . DC  B 1 5 ? 3.788   -8.292  3.136   1.00 2.79  ? 11  DC  B "C5'" 1 
ATOM   205 C  "C4'" . DC  B 1 5 ? 2.668   -8.259  2.145   1.00 2.41  ? 11  DC  B "C4'" 1 
ATOM   206 O  "O4'" . DC  B 1 5 ? 1.436   -8.059  2.855   1.00 2.65  ? 11  DC  B "O4'" 1 
ATOM   207 C  "C3'" . DC  B 1 5 ? 2.739   -7.137  1.122   1.00 2.84  ? 11  DC  B "C3'" 1 
ATOM   208 O  "O3'" . DC  B 1 5 ? 2.287   -7.602  -0.175  1.00 3.41  ? 11  DC  B "O3'" 1 
ATOM   209 C  "C2'" . DC  B 1 5 ? 1.748   -6.115  1.636   1.00 3.42  ? 11  DC  B "C2'" 1 
ATOM   210 C  "C1'" . DC  B 1 5 ? 0.723   -6.965  2.339   1.00 2.51  ? 11  DC  B "C1'" 1 
ATOM   211 N  N1    . DC  B 1 5 ? 0.096   -6.283  3.478   1.00 2.08  ? 11  DC  B N1    1 
ATOM   212 C  C2    . DC  B 1 5 ? -1.034  -5.516  3.229   1.00 1.91  ? 11  DC  B C2    1 
ATOM   213 O  O2    . DC  B 1 5 ? -1.448  -5.420  2.060   1.00 2.87  ? 11  DC  B O2    1 
ATOM   214 N  N3    . DC  B 1 5 ? -1.636  -4.886  4.254   1.00 1.93  ? 11  DC  B N3    1 
ATOM   215 C  C4    . DC  B 1 5 ? -1.142  -4.988  5.492   1.00 2.07  ? 11  DC  B C4    1 
ATOM   216 N  N4    . DC  B 1 5 ? -1.784  -4.376  6.482   1.00 2.48  ? 11  DC  B N4    1 
ATOM   217 C  C5    . DC  B 1 5 ? 0.047   -5.724  5.752   1.00 2.53  ? 11  DC  B C5    1 
ATOM   218 C  C6    . DC  B 1 5 ? 0.622   -6.345  4.730   1.00 2.50  ? 11  DC  B C6    1 
ATOM   219 P  P     . DG  B 1 6 ? 3.372   -8.097  -1.242  1.00 3.56  ? 12  DG  B P     1 
ATOM   220 O  OP1   . DG  B 1 6 ? 4.527   -7.176  -1.283  1.00 4.77  ? 12  DG  B OP1   1 
ATOM   221 O  OP2   . DG  B 1 6 ? 2.593   -8.324  -2.476  1.00 6.17  ? 12  DG  B OP2   1 
ATOM   222 O  "O5'" . DG  B 1 6 ? 3.920   -9.466  -0.679  1.00 3.01  ? 12  DG  B "O5'" 1 
ATOM   223 C  "C5'" . DG  B 1 6 ? 3.142   -10.680 -0.778  1.00 2.80  ? 12  DG  B "C5'" 1 
ATOM   224 C  "C4'" . DG  B 1 6 ? 3.940   -11.760 -0.101  1.00 2.15  ? 12  DG  B "C4'" 1 
ATOM   225 O  "O4'" . DG  B 1 6 ? 4.034   -11.478 1.313   1.00 2.16  ? 12  DG  B "O4'" 1 
ATOM   226 C  "C3'" . DG  B 1 6 ? 3.274   -13.146 -0.191  1.00 2.26  ? 12  DG  B "C3'" 1 
ATOM   227 O  "O3'" . DG  B 1 6 ? 4.257   -14.184 -0.118  1.00 2.52  ? 12  DG  B "O3'" 1 
ATOM   228 C  "C2'" . DG  B 1 6 ? 2.477   -13.210 1.088   1.00 2.38  ? 12  DG  B "C2'" 1 
ATOM   229 C  "C1'" . DG  B 1 6 ? 3.394   -12.501 2.068   1.00 2.10  ? 12  DG  B "C1'" 1 
ATOM   230 N  N9    . DG  B 1 6 ? 2.762   -11.923 3.219   1.00 2.05  ? 12  DG  B N9    1 
ATOM   231 C  C8    . DG  B 1 6 ? 3.323   -11.900 4.478   1.00 2.38  ? 12  DG  B C8    1 
ATOM   232 N  N7    . DG  B 1 6 ? 2.601   -11.266 5.375   1.00 2.53  ? 12  DG  B N7    1 
ATOM   233 C  C5    . DG  B 1 6 ? 1.496   -10.862 4.652   1.00 2.02  ? 12  DG  B C5    1 
ATOM   234 C  C6    . DG  B 1 6 ? 0.368   -10.108 5.069   1.00 2.11  ? 12  DG  B C6    1 
ATOM   235 O  O6    . DG  B 1 6 ? 0.162   -9.630  6.198   1.00 2.92  ? 12  DG  B O6    1 
ATOM   236 N  N1    . DG  B 1 6 ? -0.548  -9.915  4.045   1.00 1.96  ? 12  DG  B N1    1 
ATOM   237 C  C2    . DG  B 1 6 ? -0.346  -10.289 2.754   1.00 1.88  ? 12  DG  B C2    1 
ATOM   238 N  N2    . DG  B 1 6 ? -1.283  -9.933  1.869   1.00 2.46  ? 12  DG  B N2    1 
ATOM   239 N  N3    . DG  B 1 6 ? 0.714   -10.980 2.332   1.00 1.86  ? 12  DG  B N3    1 
ATOM   240 C  C4    . DG  B 1 6 ? 1.567   -11.231 3.331   1.00 1.80  ? 12  DG  B C4    1 
HETATM 241 N  N1    . SPK C 2 . ? 6.230   1.237   -8.420  1.00 2.28  ? 101 SPK A N1    1 
HETATM 242 C  C2    . SPK C 2 . ? 5.049   0.528   -8.960  1.00 2.73  ? 101 SPK A C2    1 
HETATM 243 C  C3    . SPK C 2 . ? 3.794   0.991   -8.204  1.00 3.13  ? 101 SPK A C3    1 
HETATM 244 C  C4    . SPK C 2 . ? 2.497   0.417   -8.725  1.00 3.07  ? 101 SPK A C4    1 
HETATM 245 N  N5    . SPK C 2 . ? 2.073   1.040   -9.973  1.00 3.05  ? 101 SPK A N5    1 
HETATM 246 C  C6    . SPK C 2 . ? 0.757   0.592   -10.451 1.00 4.70  ? 101 SPK A C6    1 
HETATM 247 C  C7    . SPK C 2 . ? 0.481   0.999   -11.821 1.00 7.46  ? 101 SPK A C7    1 
HETATM 248 C  C8    A SPK C 2 . ? 0.294   2.418   -12.099 0.52 2.76  ? 101 SPK A C8    1 
HETATM 249 C  C8    B SPK C 2 . ? -0.505  2.079   -12.233 0.48 8.88  ? 101 SPK A C8    1 
HETATM 250 C  C9    . SPK C 2 . ? -0.302  2.592   -13.574 1.00 11.34 ? 101 SPK A C9    1 
HETATM 251 N  N10   . SPK C 2 . ? -0.038  3.941   -13.850 1.00 5.89  ? 101 SPK A N10   1 
HETATM 252 C  C11   . SPK C 2 . ? -0.273  4.387   -15.236 1.00 5.50  ? 101 SPK A C11   1 
HETATM 253 C  C12   . SPK C 2 . ? 0.055   5.848   -15.404 1.00 6.79  ? 101 SPK A C12   1 
HETATM 254 C  C13   A SPK C 2 . ? 0.173   6.409   -16.713 0.78 18.19 ? 101 SPK A C13   1 
HETATM 255 C  C13   B SPK C 2 . ? -0.269  6.239   -16.875 0.22 5.88  ? 101 SPK A C13   1 
HETATM 256 N  N14   A SPK C 2 . ? -1.046  6.351   -17.505 0.78 19.47 ? 101 SPK A N14   1 
HETATM 257 N  N14   B SPK C 2 . ? 0.784   5.741   -17.819 0.22 4.54  ? 101 SPK A N14   1 
HETATM 258 MN MN    . MN  D 3 . ? 1.921   9.214   -8.688  1.00 1.89  ? 102 MN  A MN    1 
HETATM 259 O  O     . HOH E 4 . ? 4.094   3.306   -0.243  1.00 2.16  ? 201 HOH A O     1 
HETATM 260 O  O     . HOH E 4 . ? -10.482 -8.025  4.713   1.00 2.41  ? 202 HOH A O     1 
HETATM 261 O  O     A HOH E 4 . ? 0.584   7.956   -7.719  0.48 1.81  ? 203 HOH A O     1 
HETATM 262 O  O     B HOH E 4 . ? 0.538   7.962   -7.325  0.52 6.03  ? 203 HOH A O     1 
HETATM 263 O  O     . HOH E 4 . ? -9.130  -4.710  7.406   1.00 3.57  ? 204 HOH A O     1 
HETATM 264 O  O     . HOH E 4 . ? -5.792  -7.070  -1.672  1.00 5.56  ? 205 HOH A O     1 
HETATM 265 O  O     . HOH E 4 . ? -4.891  0.328   -7.129  1.00 4.35  ? 206 HOH A O     1 
HETATM 266 O  O     . HOH E 4 . ? 5.829   3.882   -9.022  1.00 3.04  ? 207 HOH A O     1 
HETATM 267 O  O     . HOH E 4 . ? 6.714   3.112   -1.208  1.00 2.43  ? 208 HOH A O     1 
HETATM 268 O  O     . HOH E 4 . ? -4.767  -4.525  -1.416  1.00 5.08  ? 209 HOH A O     1 
HETATM 269 O  O     . HOH E 4 . ? -4.560  -0.730  7.431   1.00 4.00  ? 210 HOH A O     1 
HETATM 270 O  O     . HOH E 4 . ? 7.566   5.724   -1.586  1.00 2.51  ? 211 HOH A O     1 
HETATM 271 O  O     A HOH E 4 . ? -5.153  -4.642  8.273   0.48 2.12  ? 212 HOH A O     1 
HETATM 272 O  O     B HOH E 4 . ? -5.386  -4.127  8.097   0.52 14.19 ? 212 HOH A O     1 
HETATM 273 O  O     A HOH E 4 . ? -6.359  1.386   4.297   0.32 1.63  ? 213 HOH A O     1 
HETATM 274 O  O     B HOH E 4 . ? -6.141  1.717   4.726   0.68 15.96 ? 213 HOH A O     1 
HETATM 275 O  O     . HOH E 4 . ? 8.318   7.009   3.374   0.66 2.49  ? 214 HOH A O     1 
HETATM 276 O  O     . HOH E 4 . ? -8.051  6.251   -4.936  1.00 4.20  ? 215 HOH A O     1 
HETATM 277 O  O     A HOH E 4 . ? 2.442   7.843   -10.309 0.77 2.69  ? 216 HOH A O     1 
HETATM 278 O  O     B HOH E 4 . ? 1.929   7.173   -9.649  0.23 5.50  ? 216 HOH A O     1 
HETATM 279 O  O     A HOH E 4 . ? -6.777  0.962   6.988   0.68 2.00  ? 217 HOH A O     1 
HETATM 280 O  O     B HOH E 4 . ? -7.109  0.101   6.779   0.32 11.25 ? 217 HOH A O     1 
HETATM 281 O  O     A HOH E 4 . ? -4.285  -8.618  0.083   0.47 3.14  ? 218 HOH A O     1 
HETATM 282 O  O     B HOH E 4 . ? -4.347  -8.640  -0.195  0.53 13.84 ? 218 HOH A O     1 
HETATM 283 O  O     . HOH E 4 . ? -6.230  2.555   0.242   0.89 6.37  ? 219 HOH A O     1 
HETATM 284 O  O     . HOH E 4 . ? -7.793  1.740   -4.404  0.68 6.60  ? 220 HOH A O     1 
HETATM 285 O  O     A HOH E 4 . ? -3.235  -6.555  9.412   0.72 3.25  ? 221 HOH A O     1 
HETATM 286 O  O     B HOH E 4 . ? -2.492  -6.475  9.717   0.28 18.76 ? 221 HOH A O     1 
HETATM 287 O  O     A HOH E 4 . ? -7.280  -2.790  7.916   0.23 0.98  ? 222 HOH A O     1 
HETATM 288 O  O     B HOH E 4 . ? -7.429  -2.659  7.856   0.77 15.78 ? 222 HOH A O     1 
HETATM 289 O  O     A HOH E 4 . ? 1.825   0.082   -2.656  0.71 4.89  ? 223 HOH A O     1 
HETATM 290 O  O     B HOH E 4 . ? 1.397   -0.110  -3.307  0.29 5.36  ? 223 HOH A O     1 
HETATM 291 O  O     A HOH E 4 . ? -1.842  -1.705  -9.756  0.72 7.69  ? 224 HOH A O     1 
HETATM 292 O  O     B HOH E 4 . ? -2.809  -2.341  -9.443  0.28 19.16 ? 224 HOH A O     1 
HETATM 293 O  O     . HOH E 4 . ? -8.085  2.517   -1.807  0.81 7.97  ? 225 HOH A O     1 
HETATM 294 O  O     . HOH E 4 . ? 3.558   -0.427  -4.797  0.61 13.29 ? 226 HOH A O     1 
HETATM 295 O  O     . HOH E 4 . ? -11.064 -3.856  -3.048  0.88 15.38 ? 227 HOH A O     1 
HETATM 296 O  O     . HOH E 4 . ? -4.199  -0.347  -9.690  1.00 8.09  ? 228 HOH A O     1 
HETATM 297 O  O     . HOH E 4 . ? -3.373  8.060   -4.005  1.00 2.92  ? 229 HOH A O     1 
HETATM 298 O  O     . HOH E 4 . ? 6.999   6.505   0.970   1.00 2.91  ? 230 HOH A O     1 
HETATM 299 O  O     . HOH E 4 . ? -4.940  -2.366  -6.553  0.50 7.48  ? 231 HOH A O     1 
HETATM 300 O  O     . HOH E 4 . ? 2.144   -1.826  -6.511  0.40 9.96  ? 232 HOH A O     1 
HETATM 301 O  O     . HOH E 4 . ? -7.591  5.077   -2.386  0.50 4.70  ? 233 HOH A O     1 
HETATM 302 O  O     . HOH E 4 . ? 4.494   -2.887  -3.098  0.62 14.26 ? 234 HOH A O     1 
HETATM 303 O  O     . HOH E 4 . ? 5.566   -4.590  -8.392  1.00 26.81 ? 235 HOH A O     1 
HETATM 304 O  O     . HOH E 4 . ? -7.560  3.103   2.338   1.00 31.85 ? 236 HOH A O     1 
HETATM 305 O  O     . HOH E 4 . ? 1.438   -1.047  -0.752  0.26 7.00  ? 237 HOH A O     1 
HETATM 306 O  O     . HOH E 4 . ? 4.108   -2.712  -5.153  0.34 1.60  ? 238 HOH A O     1 
HETATM 307 O  O     . HOH E 4 . ? -3.027  -5.166  -4.169  0.99 32.40 ? 239 HOH A O     1 
HETATM 308 O  O     . HOH E 4 . ? -2.256  -5.394  -2.047  0.66 14.46 ? 240 HOH A O     1 
HETATM 309 O  O     . HOH E 4 . ? 3.012   -4.158  -3.115  0.20 1.61  ? 241 HOH A O     1 
HETATM 310 O  O     . HOH E 4 . ? -8.810  -5.974  -3.716  0.66 23.20 ? 242 HOH A O     1 
HETATM 311 O  O     . HOH E 4 . ? 1.442   -2.534  -3.036  0.26 5.88  ? 243 HOH A O     1 
HETATM 312 O  O     . HOH E 4 . ? -2.731  -7.402  -3.941  0.26 3.71  ? 244 HOH A O     1 
HETATM 313 O  O     A HOH E 4 . ? -7.961  -2.193  -6.407  0.56 18.48 ? 245 HOH A O     1 
HETATM 314 O  O     B HOH E 4 . ? -6.529  -1.541  -6.783  0.44 15.15 ? 245 HOH A O     1 
HETATM 315 O  O     . HOH E 4 . ? 5.790   -1.529  -4.862  0.71 33.79 ? 246 HOH A O     1 
HETATM 316 O  O     . HOH E 4 . ? -7.533  -5.929  -5.424  0.20 0.76  ? 247 HOH A O     1 
HETATM 317 O  O     . HOH E 4 . ? 9.229   8.717   5.725   1.00 50.36 ? 248 HOH A O     1 
HETATM 318 O  O     . HOH E 4 . ? -5.010  -7.550  -4.093  1.00 61.20 ? 249 HOH A O     1 
HETATM 319 O  O     A HOH E 4 . ? 3.475   10.378  -9.737  0.78 2.31  ? 250 HOH A O     1 
HETATM 320 O  O     B HOH E 4 . ? 3.086   9.530   -10.216 0.22 7.02  ? 250 HOH A O     1 
HETATM 321 O  O     . HOH E 4 . ? 0.375   10.030  -9.954  0.98 4.27  ? 251 HOH A O     1 
HETATM 322 O  O     . HOH E 4 . ? 1.455   10.846  -7.387  0.95 3.21  ? 252 HOH A O     1 
HETATM 323 O  O     . HOH E 4 . ? -10.796 -1.024  -3.965  1.00 68.69 ? 253 HOH A O     1 
HETATM 324 O  O     . HOH F 4 . ? 2.148   1.759   10.196  1.00 2.41  ? 101 HOH B O     1 
HETATM 325 O  O     . HOH F 4 . ? 3.921   5.394   3.904   1.00 2.17  ? 102 HOH B O     1 
HETATM 326 O  O     . HOH F 4 . ? 5.289   8.620   1.468   1.00 2.75  ? 103 HOH B O     1 
HETATM 327 O  O     . HOH F 4 . ? 5.629   7.591   4.007   1.00 2.67  ? 104 HOH B O     1 
HETATM 328 O  O     . HOH F 4 . ? 4.817   -1.199  0.604   0.84 3.64  ? 105 HOH B O     1 
HETATM 329 O  O     . HOH F 4 . ? 5.438   4.419   1.865   1.00 2.36  ? 106 HOH B O     1 
HETATM 330 O  O     . HOH F 4 . ? -2.977  10.639  -3.073  1.00 2.84  ? 107 HOH B O     1 
HETATM 331 O  O     A HOH F 4 . ? 6.618   -6.142  0.497   0.45 2.61  ? 108 HOH B O     1 
HETATM 332 O  O     B HOH F 4 . ? 6.103   -5.765  0.116   0.55 11.47 ? 108 HOH B O     1 
HETATM 333 O  O     . HOH F 4 . ? 3.638   -3.482  1.616   1.00 3.86  ? 109 HOH B O     1 
HETATM 334 O  O     . HOH F 4 . ? -1.343  8.920   -5.892  0.78 2.68  ? 110 HOH B O     1 
HETATM 335 O  O     . HOH F 4 . ? 7.552   3.467   3.382   1.00 4.89  ? 111 HOH B O     1 
HETATM 336 O  O     A HOH F 4 . ? 9.672   0.195   3.532   0.61 2.22  ? 112 HOH B O     1 
HETATM 337 O  O     B HOH F 4 . ? 9.745   0.572   3.233   0.39 13.17 ? 112 HOH B O     1 
HETATM 338 O  O     . HOH F 4 . ? -5.977  8.829   -1.498  0.85 3.07  ? 113 HOH B O     1 
HETATM 339 O  O     . HOH F 4 . ? 2.295   -8.020  6.917   0.61 3.10  ? 114 HOH B O     1 
HETATM 340 O  O     . HOH F 4 . ? -0.612  1.932   10.020  1.00 3.67  ? 115 HOH B O     1 
HETATM 341 O  O     . HOH F 4 . ? -4.908  3.817   4.787   0.91 6.86  ? 116 HOH B O     1 
HETATM 342 O  O     A HOH F 4 . ? -0.792  -5.432  9.046   0.51 2.51  ? 117 HOH B O     1 
HETATM 343 O  O     B HOH F 4 . ? -0.891  -4.680  9.316   0.49 12.82 ? 117 HOH B O     1 
HETATM 344 O  O     A HOH F 4 . ? 7.967   -3.222  2.803   0.47 3.03  ? 118 HOH B O     1 
HETATM 345 O  O     B HOH F 4 . ? 8.428   -2.699  2.184   0.52 8.78  ? 118 HOH B O     1 
HETATM 346 O  O     A HOH F 4 . ? -1.090  -1.422  10.507  0.60 2.39  ? 119 HOH B O     1 
HETATM 347 O  O     B HOH F 4 . ? -1.181  -2.312  10.092  0.40 11.92 ? 119 HOH B O     1 
HETATM 348 O  O     A HOH F 4 . ? 5.230   -6.557  -4.002  0.56 12.83 ? 120 HOH B O     1 
HETATM 349 O  O     B HOH F 4 . ? 5.175   -5.775  -3.617  0.44 7.41  ? 120 HOH B O     1 
HETATM 350 O  O     A HOH F 4 . ? 6.450   -8.876  6.102   0.47 1.64  ? 121 HOH B O     1 
HETATM 351 O  O     B HOH F 4 . ? 6.166   -9.703  5.495   0.53 12.97 ? 121 HOH B O     1 
HETATM 352 O  O     . HOH F 4 . ? 0.833   -7.698  9.120   0.36 1.08  ? 122 HOH B O     1 
HETATM 353 O  O     . HOH F 4 . ? 7.776   1.462   0.816   0.83 8.77  ? 123 HOH B O     1 
HETATM 354 O  O     . HOH F 4 . ? -2.112  1.446   7.701   1.00 11.74 ? 124 HOH B O     1 
HETATM 355 O  O     . HOH F 4 . ? 0.577   -9.728  -3.001  0.68 24.63 ? 125 HOH B O     1 
HETATM 356 O  O     . HOH F 4 . ? 6.140   -2.183  -1.536  1.00 27.16 ? 126 HOH B O     1 
HETATM 357 O  O     . HOH F 4 . ? 2.866   -3.993  -0.920  0.90 21.33 ? 127 HOH B O     1 
HETATM 358 O  O     . HOH F 4 . ? 3.410   -9.410  -4.716  0.69 24.27 ? 128 HOH B O     1 
HETATM 359 O  O     . HOH F 4 . ? -1.754  -6.780  -0.291  0.67 26.23 ? 129 HOH B O     1 
HETATM 360 O  O     A HOH F 4 . ? -0.518  -3.982  -0.055  0.51 7.46  ? 130 HOH B O     1 
HETATM 361 O  O     B HOH F 4 . ? 0.262   -3.300  -0.824  0.49 17.51 ? 130 HOH B O     1 
HETATM 362 O  O     . HOH F 4 . ? 1.668   -8.824  8.269   0.35 5.81  ? 131 HOH B O     1 
HETATM 363 O  O     . HOH F 4 . ? 1.395   -5.903  -2.953  0.45 15.38 ? 132 HOH B O     1 
HETATM 364 O  O     A HOH F 4 . ? -0.461  -9.286  -1.059  0.78 14.19 ? 133 HOH B O     1 
HETATM 365 O  O     B HOH F 4 . ? -1.572  -8.652  -0.901  0.22 4.75  ? 133 HOH B O     1 
HETATM 366 O  O     . HOH F 4 . ? -2.417  -8.387  -1.838  0.36 10.85 ? 134 HOH B O     1 
HETATM 367 O  O     . HOH F 4 . ? -4.429  11.017  -0.793  1.00 3.68  ? 135 HOH B O     1 
HETATM 368 O  O     . HOH F 4 . ? 3.040   0.766   -0.173  0.78 3.03  ? 136 HOH B O     1 
HETATM 369 O  O     . HOH F 4 . ? 1.435   -5.931  9.093   0.65 15.65 ? 137 HOH B O     1 
HETATM 370 O  O     . HOH F 4 . ? 4.173   5.624   10.006  1.00 2.70  ? 138 HOH B O     1 
HETATM 371 O  O     . HOH F 4 . ? 6.873   -0.473  0.001   0.81 39.35 ? 139 HOH B O     1 
# 
loop_
_atom_site_anisotrop.id 
_atom_site_anisotrop.type_symbol 
_atom_site_anisotrop.pdbx_label_atom_id 
_atom_site_anisotrop.pdbx_label_alt_id 
_atom_site_anisotrop.pdbx_label_comp_id 
_atom_site_anisotrop.pdbx_label_asym_id 
_atom_site_anisotrop.pdbx_label_seq_id 
_atom_site_anisotrop.pdbx_PDB_ins_code 
_atom_site_anisotrop.U[1][1] 
_atom_site_anisotrop.U[2][2] 
_atom_site_anisotrop.U[3][3] 
_atom_site_anisotrop.U[1][2] 
_atom_site_anisotrop.U[1][3] 
_atom_site_anisotrop.U[2][3] 
_atom_site_anisotrop.pdbx_auth_seq_id 
_atom_site_anisotrop.pdbx_auth_comp_id 
_atom_site_anisotrop.pdbx_auth_asym_id 
_atom_site_anisotrop.pdbx_auth_atom_id 
1   O  "O5'" . DC  A 1 ? 0.0216 0.0319  0.0326 -0.0018 -0.0004 0.0022  1   DC  A "O5'" 
2   C  "C5'" . DC  A 1 ? 0.0132 0.0280  0.0333 0.0046  -0.0010 -0.0009 1   DC  A "C5'" 
3   C  "C4'" . DC  A 1 ? 0.0157 0.0257  0.0291 0.0056  0.0022  0.0035  1   DC  A "C4'" 
4   O  "O4'" . DC  A 1 ? 0.0134 0.0196  0.0594 0.0023  0.0043  0.0044  1   DC  A "O4'" 
5   C  "C3'" . DC  A 1 ? 0.0195 0.0255  0.0395 0.0009  0.0043  -0.0026 1   DC  A "C3'" 
6   O  "O3'" . DC  A 1 ? 0.0293 0.0298  0.0402 0.0073  0.0067  -0.0054 1   DC  A "O3'" 
7   C  "C2'" . DC  A 1 ? 0.0216 0.0224  0.0473 0.0021  0.0038  0.0013  1   DC  A "C2'" 
8   C  "C1'" . DC  A 1 ? 0.0159 0.0199  0.0503 0.0065  0.0073  0.0077  1   DC  A "C1'" 
9   N  N1    . DC  A 1 ? 0.0139 0.0226  0.0472 0.0039  0.0061  0.0041  1   DC  A N1    
10  C  C2    . DC  A 1 ? 0.0162 0.0197  0.0487 0.0068  0.0067  0.0060  1   DC  A C2    
11  O  O2    . DC  A 1 ? 0.0290 0.0381  0.0479 0.0191  -0.0043 -0.0069 1   DC  A O2    
12  N  N3    . DC  A 1 ? 0.0149 0.0261  0.0411 0.0054  0.0034  0.0024  1   DC  A N3    
13  C  C4    . DC  A 1 ? 0.0192 0.0208  0.0482 -0.0015 0.0073  0.0075  1   DC  A C4    
14  N  N4    . DC  A 1 ? 0.0251 0.0338  0.0364 0.0057  0.0079  0.0079  1   DC  A N4    
15  C  C5    . DC  A 1 ? 0.0255 0.0442  0.0435 0.0074  0.0142  0.0077  1   DC  A C5    
16  C  C6    . DC  A 1 ? 0.0185 0.0364  0.0505 0.0071  0.0117  0.0122  1   DC  A C6    
17  P  P     . DG  A 2 ? 0.0310 0.0403  0.0355 0.0058  0.0007  -0.0166 2   DG  A P     
18  O  OP1   . DG  A 2 ? 0.0395 0.0416  0.0529 -0.0043 -0.0057 -0.0201 2   DG  A OP1   
19  O  OP2   . DG  A 2 ? 0.0525 0.0855  0.0425 0.0107  0.0009  -0.0298 2   DG  A OP2   
20  O  "O5'" . DG  A 2 ? 0.0279 0.0392  0.0377 0.0043  0.0000  0.0000  2   DG  A "O5'" 
21  C  "C5'" . DG  A 2 ? 0.0319 0.0480  0.0334 0.0036  0.0022  0.0052  2   DG  A "C5'" 
22  C  "C4'" . DG  A 2 ? 0.0255 0.0398  0.0469 -0.0012 -0.0049 0.0146  2   DG  A "C4'" 
23  O  "O4'" . DG  A 2 ? 0.0210 0.0295  0.0466 -0.0006 0.0059  0.0010  2   DG  A "O4'" 
24  C  "C3'" . DG  A 2 ? 0.0236 0.0444  0.0597 0.0043  0.0045  0.0246  2   DG  A "C3'" 
25  O  "O3'" . DG  A 2 ? 0.0342 0.0710  0.0780 -0.0013 -0.0054 0.0491  2   DG  A "O3'" 
26  C  "C2'" . DG  A 2 ? 0.0253 0.0290  0.0820 -0.0006 -0.0048 0.0102  2   DG  A "C2'" 
27  C  "C1'" . DG  A 2 ? 0.0176 0.0273  0.0672 0.0052  0.0040  -0.0028 2   DG  A "C1'" 
28  N  N9    . DG  A 2 ? 0.0134 0.0277  0.0604 0.0047  0.0056  -0.0086 2   DG  A N9    
29  C  C8    . DG  A 2 ? 0.0173 0.0396  0.0674 0.0054  0.0102  -0.0228 2   DG  A C8    
30  N  N7    . DG  A 2 ? 0.0212 0.0438  0.0542 0.0034  0.0118  -0.0193 2   DG  A N7    
31  C  C5    . DG  A 2 ? 0.0163 0.0259  0.0454 0.0014  0.0062  -0.0107 2   DG  A C5    
32  C  C6    . DG  A 2 ? 0.0183 0.0254  0.0390 0.0009  0.0070  -0.0084 2   DG  A C6    
33  O  O6    . DG  A 2 ? 0.0304 0.0393  0.0307 0.0068  0.0065  -0.0045 2   DG  A O6    
34  N  N1    . DG  A 2 ? 0.0158 0.0220  0.0309 0.0058  0.0053  -0.0041 2   DG  A N1    
35  C  C2    . DG  A 2 ? 0.0134 0.0209  0.0354 0.0030  0.0051  0.0032  2   DG  A C2    
36  N  N2    . DG  A 2 ? 0.0161 0.0397  0.0253 0.0130  0.0055  0.0036  2   DG  A N2    
37  N  N3    . DG  A 2 ? 0.0150 0.0173  0.0441 0.0028  0.0062  0.0048  2   DG  A N3    
38  C  C4    . DG  A 2 ? 0.0124 0.0188  0.0484 0.0042  0.0046  -0.0024 2   DG  A C4    
39  P  P     . DC  A 3 ? 0.0519 0.0724  0.0524 -0.0167 -0.0121 0.0312  3   DC  A P     
40  O  OP1   . DC  A 3 ? 0.0841 0.1238  0.0833 -0.0588 -0.0473 0.0632  3   DC  A OP1   
41  O  OP2   . DC  A 3 ? 0.0880 0.0686  0.0623 -0.0118 0.0108  0.0136  3   DC  A OP2   
42  O  "O5'" . DC  A 3 ? 0.0455 0.0773  0.0324 -0.0166 -0.0022 0.0226  3   DC  A "O5'" 
43  C  "C5'" . DC  A 3 ? 0.0404 0.0521  0.0334 -0.0061 -0.0016 0.0188  3   DC  A "C5'" 
44  C  "C4'" . DC  A 3 ? 0.0410 0.0336  0.0380 -0.0136 -0.0116 0.0159  3   DC  A "C4'" 
45  O  "O4'" . DC  A 3 ? 0.0484 0.0288  0.0423 -0.0123 -0.0126 0.0103  3   DC  A "O4'" 
46  C  "C3'" . DC  A 3 ? 0.0567 0.0342  0.0368 -0.0118 -0.0087 0.0135  3   DC  A "C3'" 
47  O  "O3'" . DC  A 3 ? 0.0471 0.0434  0.0669 0.0013  -0.0054 0.0214  3   DC  A "O3'" 
48  C  "C2'" . DC  A 3 ? 0.0639 0.0362  0.0358 -0.0108 -0.0100 0.0196  3   DC  A "C2'" 
49  C  "C1'" . DC  A 3 ? 0.0420 0.0423  0.0292 -0.0127 -0.0092 0.0185  3   DC  A "C1'" 
50  N  N1    . DC  A 3 ? 0.0272 0.0373  0.0395 -0.0070 -0.0070 0.0097  3   DC  A N1    
51  C  C2    . DC  A 3 ? 0.0295 0.0359  0.0300 -0.0135 -0.0045 0.0101  3   DC  A C2    
52  O  O2    . DC  A 3 ? 0.0281 0.0523  0.0335 0.0011  -0.0026 0.0101  3   DC  A O2    
53  N  N3    . DC  A 3 ? 0.0246 0.0283  0.0364 -0.0057 -0.0026 0.0064  3   DC  A N3    
54  C  C4    . DC  A 3 ? 0.0290 0.0269  0.0387 -0.0104 -0.0039 0.0065  3   DC  A C4    
55  N  N4    . DC  A 3 ? 0.0250 0.0419  0.0485 0.0031  -0.0020 0.0032  3   DC  A N4    
56  C  C5    . DC  A 3 ? 0.0276 0.0338  0.0555 -0.0025 -0.0076 0.0083  3   DC  A C5    
57  C  C6    . DC  A 3 ? 0.0347 0.0397  0.0479 -0.0089 -0.0110 0.0122  3   DC  A C6    
58  P  P     . DG  A 4 ? 0.0821 0.0319  0.0735 0.0132  0.0243  0.0112  4   DG  A P     
59  O  OP1   . DG  A 4 ? 0.1778 0.0314  0.0772 -0.0208 0.0411  -0.0090 4   DG  A OP1   
60  O  OP2   . DG  A 4 ? 0.0977 0.0980  0.1760 0.0624  0.0564  0.0605  4   DG  A OP2   
61  O  "O5'" . DG  A 4 ? 0.0560 0.0315  0.0477 -0.0037 0.0139  -0.0018 4   DG  A "O5'" 
62  C  "C5'" . DG  A 4 ? 0.0316 0.0322  0.0506 0.0053  0.0089  0.0055  4   DG  A "C5'" 
63  C  "C4'" . DG  A 4 ? 0.0242 0.0330  0.0252 -0.0020 -0.0009 0.0002  4   DG  A "C4'" 
64  O  "O4'" . DG  A 4 ? 0.0186 0.0329  0.0295 -0.0013 -0.0037 0.0026  4   DG  A "O4'" 
65  C  "C3'" . DG  A 4 ? 0.0227 0.0283  0.0160 0.0015  -0.0018 0.0067  4   DG  A "C3'" 
66  O  "O3'" . DG  A 4 ? 0.0227 0.0328  0.0209 -0.0010 0.0021  -0.0027 4   DG  A "O3'" 
67  C  "C2'" . DG  A 4 ? 0.0294 0.0307  0.0292 0.0058  0.0018  0.0084  4   DG  A "C2'" 
68  C  "C1'" . DG  A 4 ? 0.0231 0.0367  0.0242 0.0079  -0.0069 -0.0006 4   DG  A "C1'" 
69  N  N9    . DG  A 4 ? 0.0193 0.0346  0.0243 0.0055  -0.0051 0.0043  4   DG  A N9    
70  C  C8    . DG  A 4 ? 0.0239 0.0470  0.0315 0.0108  -0.0029 0.0084  4   DG  A C8    
71  N  N7    . DG  A 4 ? 0.0239 0.0435  0.0373 0.0151  0.0057  0.0080  4   DG  A N7    
72  C  C5    . DG  A 4 ? 0.0218 0.0294  0.0251 0.0074  0.0014  0.0065  4   DG  A C5    
73  C  C6    . DG  A 4 ? 0.0279 0.0293  0.0240 0.0015  0.0040  0.0064  4   DG  A C6    
74  O  O6    . DG  A 4 ? 0.0376 0.0451  0.0245 0.0128  0.0060  0.0043  4   DG  A O6    
75  N  N1    . DG  A 4 ? 0.0246 0.0294  0.0177 -0.0002 -0.0014 0.0029  4   DG  A N1    
76  C  C2    . DG  A 4 ? 0.0182 0.0270  0.0228 -0.0023 -0.0017 0.0033  4   DG  A C2    
77  N  N2    . DG  A 4 ? 0.0173 0.0434  0.0168 0.0009  -0.0041 0.0065  4   DG  A N2    
78  N  N3    . DG  A 4 ? 0.0179 0.0302  0.0190 -0.0007 -0.0028 0.0068  4   DG  A N3    
79  C  C4    . DG  A 4 ? 0.0181 0.0259  0.0208 0.0001  -0.0020 0.0061  4   DG  A C4    
80  P  P     . DC  A 5 ? 0.0238 0.0249  0.0206 0.0024  -0.0019 0.0027  5   DC  A P     
81  O  OP1   . DC  A 5 ? 0.0333 0.0285  0.0489 0.0040  -0.0028 0.0044  5   DC  A OP1   
82  O  OP2   . DC  A 5 ? 0.0412 0.0363  0.0218 -0.0025 0.0041  -0.0039 5   DC  A OP2   
83  O  "O5'" . DC  A 5 ? 0.0207 0.0293  0.0173 -0.0033 -0.0008 0.0028  5   DC  A "O5'" 
84  C  "C5'" . DC  A 5 ? 0.0224 0.0246  0.0160 0.0000  0.0054  -0.0008 5   DC  A "C5'" 
85  C  "C4'" . DC  A 5 ? 0.0139 0.0220  0.0147 0.0018  0.0050  -0.0024 5   DC  A "C4'" 
86  O  "O4'" . DC  A 5 ? 0.0200 0.0180  0.0162 0.0026  0.0069  -0.0039 5   DC  A "O4'" 
87  C  "C3'" . DC  A 5 ? 0.0141 0.0241  0.0178 0.0042  0.0041  -0.0021 5   DC  A "C3'" 
88  O  "O3'" . DC  A 5 ? 0.0161 0.0280  0.0189 0.0086  0.0023  -0.0015 5   DC  A "O3'" 
89  C  "C2'" . DC  A 5 ? 0.0141 0.0215  0.0161 0.0024  0.0038  0.0000  5   DC  A "C2'" 
90  C  "C1'" . DC  A 5 ? 0.0116 0.0216  0.0154 0.0022  0.0050  -0.0005 5   DC  A "C1'" 
91  N  N1    . DC  A 5 ? 0.0137 0.0202  0.0136 0.0032  0.0015  -0.0023 5   DC  A N1    
92  C  C2    . DC  A 5 ? 0.0156 0.0162  0.0139 0.0037  0.0032  -0.0029 5   DC  A C2    
93  O  O2    . DC  A 5 ? 0.0189 0.0316  0.0128 0.0091  0.0018  -0.0012 5   DC  A O2    
94  N  N3    . DC  A 5 ? 0.0126 0.0210  0.0154 0.0039  0.0026  -0.0003 5   DC  A N3    
95  C  C4    . DC  A 5 ? 0.0127 0.0169  0.0206 0.0024  0.0025  -0.0028 5   DC  A C4    
96  N  N4    . DC  A 5 ? 0.0143 0.0325  0.0173 0.0080  -0.0013 -0.0045 5   DC  A N4    
97  C  C5    . DC  A 5 ? 0.0205 0.0276  0.0165 0.0074  -0.0027 -0.0019 5   DC  A C5    
98  C  C6    . DC  A 5 ? 0.0213 0.0213  0.0141 0.0042  0.0026  -0.0008 5   DC  A C6    
99  P  P     . DG  A 6 ? 0.0186 0.0235  0.0185 0.0087  0.0038  -0.0010 6   DG  A P     
100 O  OP1   . DG  A 6 ? 0.0324 0.0256  0.0294 0.0059  0.0069  -0.0061 6   DG  A OP1   
101 O  OP2   . DG  A 6 ? 0.0279 0.0379  0.0204 0.0182  0.0033  0.0011  6   DG  A OP2   
102 O  "O5'" . DG  A 6 ? 0.0176 0.0318  0.0205 0.0061  0.0012  -0.0032 6   DG  A "O5'" 
103 C  "C5'" . DG  A 6 ? 0.0171 0.0284  0.0223 0.0044  -0.0009 -0.0012 6   DG  A "C5'" 
104 C  "C4'" . DG  A 6 ? 0.0122 0.0244  0.0202 0.0096  0.0029  -0.0036 6   DG  A "C4'" 
105 O  "O4'" . DG  A 6 ? 0.0194 0.0243  0.0225 0.0063  -0.0049 -0.0031 6   DG  A "O4'" 
106 C  "C3'" . DG  A 6 ? 0.0144 0.0286  0.0197 0.0086  0.0021  -0.0006 6   DG  A "C3'" 
107 O  "O3'" . DG  A 6 ? 0.0160 0.0289  0.0328 0.0032  0.0107  -0.0040 6   DG  A "O3'" 
108 C  "C2'" . DG  A 6 ? 0.0150 0.0220  0.0300 0.0066  0.0058  -0.0055 6   DG  A "C2'" 
109 C  "C1'" . DG  A 6 ? 0.0145 0.0251  0.0217 0.0057  0.0038  -0.0014 6   DG  A "C1'" 
110 N  N9    . DG  A 6 ? 0.0124 0.0231  0.0207 0.0058  0.0048  0.0021  6   DG  A N9    
111 C  C8    . DG  A 6 ? 0.0192 0.0300  0.0172 0.0058  0.0060  0.0070  6   DG  A C8    
112 N  N7    . DG  A 6 ? 0.0138 0.0243  0.0213 0.0040  0.0025  0.0039  6   DG  A N7    
113 C  C5    . DG  A 6 ? 0.0133 0.0200  0.0219 0.0026  0.0029  0.0040  6   DG  A C5    
114 C  C6    . DG  A 6 ? 0.0150 0.0258  0.0212 0.0024  0.0024  0.0023  6   DG  A C6    
115 O  O6    . DG  A 6 ? 0.0178 0.0609  0.0256 0.0224  0.0051  0.0079  6   DG  A O6    
116 N  N1    . DG  A 6 ? 0.0140 0.0183  0.0192 0.0055  0.0034  -0.0006 6   DG  A N1    
117 C  C2    . DG  A 6 ? 0.0127 0.0162  0.0196 -0.0001 0.0002  -0.0018 6   DG  A C2    
118 N  N2    . DG  A 6 ? 0.0123 0.0332  0.0197 0.0064  0.0000  -0.0021 6   DG  A N2    
119 N  N3    . DG  A 6 ? 0.0127 0.0217  0.0189 0.0032  0.0020  0.0032  6   DG  A N3    
120 C  C4    . DG  A 6 ? 0.0116 0.0185  0.0197 0.0014  0.0037  0.0012  6   DG  A C4    
121 O  "O5'" . DC  B 1 ? 0.0519 0.0475  0.0344 0.0264  -0.0076 0.0015  7   DC  B "O5'" 
122 C  "C5'" . DC  B 1 ? 0.0384 0.0414  0.0244 0.0217  0.0021  -0.0026 7   DC  B "C5'" 
123 C  "C4'" . DC  B 1 ? 0.0287 0.0305  0.0157 0.0130  0.0000  0.0019  7   DC  B "C4'" 
124 O  "O4'" . DC  B 1 ? 0.0258 0.0264  0.0199 0.0028  0.0044  0.0023  7   DC  B "O4'" 
125 C  "C3'" . DC  B 1 ? 0.0351 0.0238  0.0206 0.0109  -0.0044 -0.0027 7   DC  B "C3'" 
126 O  "O3'" . DC  B 1 ? 0.0284 0.0277  0.0179 0.0056  -0.0025 -0.0011 7   DC  B "O3'" 
127 C  "C2'" . DC  B 1 ? 0.0297 0.0256  0.0196 -0.0014 -0.0037 0.0019  7   DC  B "C2'" 
128 C  "C1'" . DC  B 1 ? 0.0236 0.0230  0.0171 0.0071  0.0016  0.0040  7   DC  B "C1'" 
129 N  N1    . DC  B 1 ? 0.0160 0.0209  0.0178 0.0035  0.0015  0.0005  7   DC  B N1    
130 C  C2    . DC  B 1 ? 0.0184 0.0159  0.0219 0.0057  0.0031  0.0008  7   DC  B C2    
131 O  O2    . DC  B 1 ? 0.0172 0.0302  0.0200 0.0099  -0.0021 -0.0006 7   DC  B O2    
132 N  N3    . DC  B 1 ? 0.0149 0.0186  0.0177 0.0045  -0.0007 -0.0002 7   DC  B N3    
133 C  C4    . DC  B 1 ? 0.0152 0.0171  0.0208 0.0031  0.0017  -0.0002 7   DC  B C4    
134 N  N4    . DC  B 1 ? 0.0140 0.0281  0.0214 0.0077  -0.0014 -0.0001 7   DC  B N4    
135 C  C5    . DC  B 1 ? 0.0177 0.0231  0.0238 0.0082  0.0015  -0.0037 7   DC  B C5    
136 C  C6    . DC  B 1 ? 0.0182 0.0225  0.0213 0.0052  0.0024  -0.0019 7   DC  B C6    
137 P  P     . DG  B 2 ? 0.0293 0.0283  0.0203 0.0062  -0.0067 -0.0050 8   DG  B P     
138 O  OP1   . DG  B 2 ? 0.0506 0.0328  0.0385 0.0048  -0.0148 -0.0128 8   DG  B OP1   
139 O  OP2   . DG  B 2 ? 0.0305 0.0401  0.0276 0.0043  -0.0060 -0.0041 8   DG  B OP2   
140 O  "O5'" . DG  B 2 ? 0.0324 0.0256  0.0145 0.0122  -0.0021 -0.0071 8   DG  B "O5'" 
141 C  "C5'" . DG  B 2 ? 0.0198 0.0272  0.0177 0.0103  0.0004  -0.0038 8   DG  B "C5'" 
142 C  "C4'" . DG  B 2 ? 0.0206 0.0303  0.0127 0.0120  0.0006  -0.0032 8   DG  B "C4'" 
143 O  "O4'" . DG  B 2 ? 0.0205 0.0289  0.0202 0.0148  0.0016  -0.0018 8   DG  B "O4'" 
144 C  "C3'" . DG  B 2 ? 0.0193 0.0283  0.0136 0.0124  0.0021  0.0037  8   DG  B "C3'" 
145 O  "O3'" . DG  B 2 ? 0.0251 0.0293  0.0183 0.0169  0.0033  0.0025  8   DG  B "O3'" 
146 C  "C2'" . DG  B 2 ? 0.0220 0.0319  0.0207 0.0113  0.0029  0.0056  8   DG  B "C2'" 
147 C  "C1'" . DG  B 2 ? 0.0203 0.0332  0.0146 0.0142  0.0073  0.0015  8   DG  B "C1'" 
148 N  N9    . DG  B 2 ? 0.0172 0.0366  0.0141 0.0130  0.0055  0.0016  8   DG  B N9    
149 C  C8    . DG  B 2 ? 0.0223 0.0416  0.0200 0.0177  0.0097  0.0017  8   DG  B C8    
150 N  N7    . DG  B 2 ? 0.0210 0.0452  0.0185 0.0184  0.0066  -0.0007 8   DG  B N7    
151 C  C5    . DG  B 2 ? 0.0129 0.0306  0.0172 0.0086  0.0049  0.0027  8   DG  B C5    
152 C  C6    . DG  B 2 ? 0.0149 0.0293  0.0170 0.0088  0.0039  -0.0023 8   DG  B C6    
153 O  O6    . DG  B 2 ? 0.0224 0.0507  0.0187 0.0178  0.0011  0.0015  8   DG  B O6    
154 N  N1    . DG  B 2 ? 0.0151 0.0244  0.0155 0.0078  0.0046  0.0000  8   DG  B N1    
155 C  C2    . DG  B 2 ? 0.0156 0.0168  0.0149 0.0055  0.0042  0.0026  8   DG  B C2    
156 N  N2    . DG  B 2 ? 0.0183 0.0357  0.0133 0.0117  0.0032  -0.0018 8   DG  B N2    
157 N  N3    . DG  B 2 ? 0.0182 0.0249  0.0167 0.0100  0.0030  -0.0009 8   DG  B N3    
158 C  C4    . DG  B 2 ? 0.0193 0.0230  0.0157 0.0079  0.0073  0.0003  8   DG  B C4    
159 P  P     . DC  B 3 ? 0.0185 0.0236  0.0143 0.0111  0.0006  0.0002  9   DC  B P     
160 O  OP1   . DC  B 3 ? 0.0251 0.0259  0.0190 0.0121  -0.0018 0.0005  9   DC  B OP1   
161 O  OP2   . DC  B 3 ? 0.0247 0.0396  0.0212 0.0137  0.0034  0.0092  9   DC  B OP2   
162 O  "O5'" . DC  B 3 ? 0.0315 0.0287  0.0320 0.0176  -0.0139 -0.0066 9   DC  B "O5'" 
163 C  "C5'" . DC  B 3 ? 0.0235 0.0244  0.0215 0.0063  -0.0024 -0.0029 9   DC  B "C5'" 
164 C  "C4'" . DC  B 3 ? 0.0199 0.0184  0.0217 0.0022  -0.0032 0.0005  9   DC  B "C4'" 
165 O  "O4'" . DC  B 3 ? 0.0273 0.0260  0.0189 -0.0069 -0.0059 0.0071  9   DC  B "O4'" 
166 C  "C3'" . DC  B 3 ? 0.0219 0.0207  0.0194 0.0018  -0.0015 0.0013  9   DC  B "C3'" 
167 O  "O3'" . DC  B 3 ? 0.0281 0.0266  0.0196 0.0027  0.0032  -0.0024 9   DC  B "O3'" 
168 C  "C2'" . DC  B 3 ? 0.0243 0.0202  0.0281 -0.0012 -0.0034 0.0050  9   DC  B "C2'" 
169 C  "C1'" . DC  B 3 ? 0.0240 0.0245  0.0190 -0.0027 -0.0041 0.0031  9   DC  B "C1'" 
170 N  N1    . DC  B 3 ? 0.0221 0.0277  0.0163 -0.0034 -0.0036 -0.0001 9   DC  B N1    
171 C  C2    . DC  B 3 ? 0.0228 0.0246  0.0227 -0.0023 -0.0028 0.0049  9   DC  B C2    
172 O  O2    . DC  B 3 ? 0.0286 0.0419  0.0175 0.0070  -0.0019 0.0028  9   DC  B O2    
173 N  N3    . DC  B 3 ? 0.0216 0.0261  0.0208 -0.0017 -0.0054 0.0001  9   DC  B N3    
174 C  C4    . DC  B 3 ? 0.0238 0.0238  0.0232 -0.0048 -0.0022 -0.0026 9   DC  B C4    
175 N  N4    . DC  B 3 ? 0.0256 0.0360  0.0249 0.0007  -0.0009 -0.0016 9   DC  B N4    
176 C  C5    . DC  B 3 ? 0.0263 0.0369  0.0218 -0.0045 0.0001  -0.0028 9   DC  B C5    
177 C  C6    . DC  B 3 ? 0.0267 0.0366  0.0174 -0.0057 -0.0048 -0.0023 9   DC  B C6    
178 P  P     . DG  B 4 ? 0.0259 0.0268  0.0249 0.0060  0.0068  -0.0004 10  DG  B P     
179 O  OP1   . DG  B 4 ? 0.0242 0.0299  0.0332 0.0029  0.0034  0.0066  10  DG  B OP1   
180 O  OP2   . DG  B 4 ? 0.0405 0.0508  0.0347 0.0102  0.0146  -0.0058 10  DG  B OP2   
181 O  "O5'" . DG  B 4 ? 0.0300 0.0205  0.0313 0.0024  -0.0010 -0.0039 10  DG  B "O5'" 
182 C  "C5'" . DG  B 4 ? 0.0376 0.0231  0.0280 0.0042  0.0014  -0.0025 10  DG  B "C5'" 
183 C  "C4'" . DG  B 4 ? 0.0245 0.0154  0.0291 0.0039  -0.0015 -0.0022 10  DG  B "C4'" 
184 O  "O4'" . DG  B 4 ? 0.0283 0.0256  0.0320 -0.0037 0.0044  -0.0098 10  DG  B "O4'" 
185 C  "C3'" . DG  B 4 ? 0.0249 0.0190  0.0318 0.0055  -0.0016 -0.0042 10  DG  B "C3'" 
186 O  "O3'" . DG  B 4 ? 0.0310 0.0246  0.0439 0.0112  -0.0041 -0.0053 10  DG  B "O3'" 
187 C  "C2'" . DG  B 4 ? 0.0282 0.0192  0.0376 0.0014  -0.0002 0.0001  10  DG  B "C2'" 
188 C  "C1'" . DG  B 4 ? 0.0260 0.0271  0.0274 0.0000  -0.0041 -0.0063 10  DG  B "C1'" 
189 N  N9    . DG  B 4 ? 0.0280 0.0272  0.0210 0.0031  -0.0016 -0.0018 10  DG  B N9    
190 C  C8    . DG  B 4 ? 0.0310 0.0308  0.0226 -0.0016 0.0003  -0.0039 10  DG  B C8    
191 N  N7    . DG  B 4 ? 0.0295 0.0366  0.0270 0.0008  0.0014  -0.0070 10  DG  B N7    
192 C  C5    . DG  B 4 ? 0.0311 0.0211  0.0263 -0.0006 0.0013  -0.0028 10  DG  B C5    
193 C  C6    . DG  B 4 ? 0.0238 0.0230  0.0351 0.0004  0.0038  -0.0073 10  DG  B C6    
194 O  O6    . DG  B 4 ? 0.0273 0.0340  0.0379 0.0082  -0.0006 -0.0037 10  DG  B O6    
195 N  N1    . DG  B 4 ? 0.0207 0.0238  0.0261 -0.0007 -0.0061 -0.0006 10  DG  B N1    
196 C  C2    . DG  B 4 ? 0.0250 0.0174  0.0259 -0.0009 -0.0003 -0.0021 10  DG  B C2    
197 N  N2    . DG  B 4 ? 0.0298 0.0316  0.0226 0.0072  -0.0039 -0.0024 10  DG  B N2    
198 N  N3    . DG  B 4 ? 0.0258 0.0193  0.0229 0.0014  -0.0045 -0.0028 10  DG  B N3    
199 C  C4    . DG  B 4 ? 0.0254 0.0235  0.0238 0.0003  -0.0021 -0.0028 10  DG  B C4    
200 P  P     . DC  B 5 ? 0.0263 0.0228  0.0435 0.0060  0.0045  -0.0071 11  DC  B P     
201 O  OP1   . DC  B 5 ? 0.0217 0.0284  0.0626 0.0049  0.0042  -0.0107 11  DC  B OP1   
202 O  OP2   . DC  B 5 ? 0.1070 0.0499  0.0545 0.0358  0.0414  0.0030  11  DC  B OP2   
203 O  "O5'" . DC  B 5 ? 0.0271 0.0446  0.1055 0.0116  -0.0033 -0.0455 11  DC  B "O5'" 
204 C  "C5'" . DC  B 5 ? 0.0164 0.0315  0.0580 0.0071  -0.0005 -0.0132 11  DC  B "C5'" 
205 C  "C4'" . DC  B 5 ? 0.0156 0.0194  0.0567 0.0050  0.0074  -0.0066 11  DC  B "C4'" 
206 O  "O4'" . DC  B 5 ? 0.0152 0.0184  0.0671 0.0060  0.0091  0.0029  11  DC  B "O4'" 
207 C  "C3'" . DC  B 5 ? 0.0271 0.0236  0.0572 0.0032  0.0086  -0.0064 11  DC  B "C3'" 
208 O  "O3'" . DC  B 5 ? 0.0332 0.0336  0.0629 0.0123  0.0020  0.0033  11  DC  B "O3'" 
209 C  "C2'" . DC  B 5 ? 0.0396 0.0238  0.0666 0.0082  0.0227  0.0089  11  DC  B "C2'" 
210 C  "C1'" . DC  B 5 ? 0.0217 0.0272  0.0463 0.0081  0.0020  -0.0017 11  DC  B "C1'" 
211 N  N1    . DC  B 5 ? 0.0173 0.0181  0.0438 0.0053  0.0021  -0.0015 11  DC  B N1    
212 C  C2    . DC  B 5 ? 0.0137 0.0232  0.0356 0.0007  -0.0027 -0.0043 11  DC  B C2    
213 O  O2    . DC  B 5 ? 0.0276 0.0405  0.0408 0.0210  -0.0077 -0.0116 11  DC  B O2    
214 N  N3    . DC  B 5 ? 0.0148 0.0240  0.0346 0.0002  0.0023  -0.0031 11  DC  B N3    
215 C  C4    . DC  B 5 ? 0.0161 0.0236  0.0388 -0.0054 0.0013  0.0005  11  DC  B C4    
216 N  N4    . DC  B 5 ? 0.0262 0.0342  0.0339 -0.0014 0.0017  -0.0026 11  DC  B N4    
217 C  C5    . DC  B 5 ? 0.0195 0.0333  0.0432 0.0021  -0.0008 0.0087  11  DC  B C5    
218 C  C6    . DC  B 5 ? 0.0157 0.0291  0.0503 0.0027  -0.0030 0.0092  11  DC  B C6    
219 P  P     . DG  B 6 ? 0.0578 0.0335  0.0439 0.0131  0.0031  0.0034  12  DG  B P     
220 O  OP1   . DG  B 6 ? 0.0730 0.0394  0.0690 0.0003  0.0364  0.0041  12  DG  B OP1   
221 O  OP2   . DG  B 6 ? 0.1222 0.0485  0.0639 0.0308  -0.0225 0.0044  12  DG  B OP2   
222 O  "O5'" . DG  B 6 ? 0.0337 0.0283  0.0525 0.0086  0.0008  -0.0018 12  DG  B "O5'" 
223 C  "C5'" . DG  B 6 ? 0.0331 0.0285  0.0448 0.0087  -0.0089 -0.0031 12  DG  B "C5'" 
224 C  "C4'" . DG  B 6 ? 0.0187 0.0304  0.0327 0.0073  -0.0044 -0.0061 12  DG  B "C4'" 
225 O  "O4'" . DG  B 6 ? 0.0172 0.0298  0.0351 -0.0009 0.0017  -0.0049 12  DG  B "O4'" 
226 C  "C3'" . DG  B 6 ? 0.0165 0.0275  0.0418 0.0098  -0.0050 -0.0046 12  DG  B "C3'" 
227 O  "O3'" . DG  B 6 ? 0.0229 0.0307  0.0421 0.0150  -0.0009 -0.0064 12  DG  B "O3'" 
228 C  "C2'" . DG  B 6 ? 0.0169 0.0264  0.0473 0.0056  -0.0009 -0.0048 12  DG  B "C2'" 
229 C  "C1'" . DG  B 6 ? 0.0154 0.0252  0.0394 0.0090  -0.0006 -0.0033 12  DG  B "C1'" 
230 N  N9    . DG  B 6 ? 0.0145 0.0233  0.0402 0.0083  0.0005  0.0019  12  DG  B N9    
231 C  C8    . DG  B 6 ? 0.0245 0.0324  0.0335 0.0123  -0.0047 0.0027  12  DG  B C8    
232 N  N7    . DG  B 6 ? 0.0267 0.0340  0.0353 0.0154  -0.0032 0.0048  12  DG  B N7    
233 C  C5    . DG  B 6 ? 0.0171 0.0271  0.0325 0.0059  0.0023  0.0046  12  DG  B C5    
234 C  C6    . DG  B 6 ? 0.0222 0.0290  0.0290 0.0079  0.0014  0.0021  12  DG  B C6    
235 O  O6    . DG  B 6 ? 0.0307 0.0467  0.0335 0.0134  0.0061  0.0050  12  DG  B O6    
236 N  N1    . DG  B 6 ? 0.0112 0.0260  0.0374 0.0042  0.0028  0.0017  12  DG  B N1    
237 C  C2    . DG  B 6 ? 0.0125 0.0213  0.0377 0.0025  -0.0033 0.0007  12  DG  B C2    
238 N  N2    . DG  B 6 ? 0.0177 0.0357  0.0402 0.0124  -0.0053 -0.0068 12  DG  B N2    
239 N  N3    . DG  B 6 ? 0.0139 0.0218  0.0348 0.0035  -0.0015 -0.0012 12  DG  B N3    
240 C  C4    . DG  B 6 ? 0.0138 0.0181  0.0365 0.0071  0.0001  0.0009  12  DG  B C4    
241 N  N1    . SPK C . ? 0.0280 0.0321  0.0266 0.0079  0.0044  -0.0049 101 SPK A N1    
242 C  C2    . SPK C . ? 0.0296 0.0379  0.0365 0.0019  0.0040  -0.0149 101 SPK A C2    
243 C  C3    . SPK C . ? 0.0337 0.0514  0.0337 0.0055  0.0033  -0.0183 101 SPK A C3    
244 C  C4    . SPK C . ? 0.0379 0.0480  0.0307 0.0098  0.0066  0.0019  101 SPK A C4    
245 N  N5    . SPK C . ? 0.0511 0.0333  0.0314 0.0014  0.0048  -0.0097 101 SPK A N5    
246 C  C6    . SPK C . ? 0.0571 0.0636  0.0582 0.0140  -0.0190 -0.0158 101 SPK A C6    
247 C  C7    . SPK C . ? 0.1204 0.1065  0.0566 0.0643  -0.0290 -0.0159 101 SPK A C7    
248 C  C8    A SPK C . ? 0.0242 0.0381  0.0425 0.0002  -0.0166 -0.0206 101 SPK A C8    
249 C  C8    B SPK C . ? 0.0875 0.1358  0.1143 0.0658  0.0136  0.0346  101 SPK A C8    
250 C  C9    . SPK C . ? 0.2653 0.0914  0.0741 0.0757  -0.0312 0.0036  101 SPK A C9    
251 N  N10   . SPK C . ? 0.0689 0.1182  0.0367 0.0489  0.0016  -0.0128 101 SPK A N10   
252 C  C11   . SPK C . ? 0.0693 0.0943  0.0455 0.0332  -0.0072 -0.0096 101 SPK A C11   
253 C  C12   . SPK C . ? 0.0832 0.0941  0.0806 0.0089  0.0149  -0.0111 101 SPK A C12   
254 C  C13   A SPK C . ? 0.4015 0.1580  0.1317 0.0175  -0.0117 0.0615  101 SPK A C13   
255 C  C13   B SPK C . ? 0.1237 -0.0155 0.1152 0.0354  -0.0857 -0.0293 101 SPK A C13   
256 N  N14   A SPK C . ? 0.4628 0.1426  0.1345 0.2075  -0.0776 -0.0363 101 SPK A N14   
257 N  N14   B SPK C . ? 0.1166 0.0133  0.0427 -0.0089 -0.0653 -0.0079 101 SPK A N14   
258 MN MN    . MN  D . ? 0.0194 0.0257  0.0266 0.0095  -0.0019 -0.0011 102 MN  A MN    
259 O  O     . HOH E . ? 0.0205 0.0365  0.0248 0.0092  0.0003  -0.0021 201 HOH A O     
260 O  O     . HOH E . ? 0.0229 0.0271  0.0415 0.0021  0.0046  -0.0032 202 HOH A O     
261 O  O     A HOH E . ? 0.0146 0.0125  0.0418 0.0039  0.0179  -0.0071 203 HOH A O     
262 O  O     B HOH E . ? 0.0665 0.0792  0.0835 -0.0247 -0.0088 0.0325  203 HOH A O     
263 O  O     . HOH E . ? 0.0492 0.0399  0.0467 0.0157  0.0091  0.0036  204 HOH A O     
264 O  O     . HOH E . ? 0.0572 0.0801  0.0741 0.0109  0.0201  0.0128  205 HOH A O     
265 O  O     . HOH E . ? 0.0436 0.0643  0.0574 0.0070  -0.0127 -0.0134 206 HOH A O     
266 O  O     . HOH E . ? 0.0535 0.0317  0.0302 0.0036  -0.0135 -0.0071 207 HOH A O     
267 O  O     . HOH E . ? 0.0236 0.0422  0.0266 0.0048  0.0018  -0.0068 208 HOH A O     
268 O  O     . HOH E . ? 0.0589 0.0775  0.0566 -0.0033 -0.0039 -0.0049 209 HOH A O     
269 O  O     . HOH E . ? 0.0449 0.0625  0.0446 -0.0082 -0.0003 -0.0090 210 HOH A O     
270 O  O     . HOH E . ? 0.0273 0.0380  0.0300 -0.0007 0.0070  -0.0002 211 HOH A O     
271 O  O     A HOH E . ? 0.0301 0.0279  0.0227 0.0160  0.0197  0.0122  212 HOH A O     
272 O  O     B HOH E . ? 0.3439 0.1100  0.0853 -0.0162 0.0556  0.0198  212 HOH A O     
273 O  O     A HOH E . ? 0.0173 0.0302  0.0144 0.0168  0.0099  0.0025  213 HOH A O     
274 O  O     B HOH E . ? 0.3215 0.1386  0.1464 0.1396  0.0625  -0.0206 213 HOH A O     
275 O  O     . HOH E . ? 0.0262 0.0453  0.0234 0.0157  0.0008  0.0059  214 HOH A O     
276 O  O     . HOH E . ? 0.0642 0.0453  0.0502 0.0027  0.0046  -0.0057 215 HOH A O     
277 O  O     A HOH E . ? 0.0402 0.0320  0.0299 0.0125  0.0098  -0.0073 216 HOH A O     
278 O  O     B HOH E . ? 0.0799 0.0906  0.0384 0.0300  0.0217  0.0029  216 HOH A O     
279 O  O     A HOH E . ? 0.0154 0.0238  0.0367 -0.0029 -0.0003 -0.0111 217 HOH A O     
280 O  O     B HOH E . ? 0.1393 0.1681  0.1200 0.0183  0.0143  0.0046  217 HOH A O     
281 O  O     A HOH E . ? 0.0561 0.0474  0.0158 0.0250  -0.0019 -0.0027 218 HOH A O     
282 O  O     B HOH E . ? 0.0718 0.0567  0.3974 -0.0043 0.0081  0.0572  218 HOH A O     
283 O  O     . HOH E . ? 0.0503 0.0752  0.1166 -0.0042 0.0108  0.0389  219 HOH A O     
284 O  O     . HOH E . ? 0.0870 0.1012  0.0625 0.0299  0.0305  0.0528  220 HOH A O     
285 O  O     A HOH E . ? 0.0478 0.0454  0.0302 -0.0005 -0.0077 0.0029  221 HOH A O     
286 O  O     B HOH E . ? 0.4501 0.1345  0.1282 -0.0203 -0.0656 0.0020  221 HOH A O     
287 O  O     A HOH E . ? 0.0134 0.0140  0.0100 0.0131  0.0094  -0.0063 222 HOH A O     
288 O  O     B HOH E . ? 0.2690 0.2260  0.1047 -0.1800 0.0479  -0.0311 222 HOH A O     
289 O  O     A HOH E . ? 0.0654 0.0587  0.0616 0.0183  -0.0054 -0.0119 223 HOH A O     
290 O  O     B HOH E . ? 0.0616 0.0961  0.0458 0.0123  -0.0003 0.0060  223 HOH A O     
291 O  O     A HOH E . ? 0.1099 0.1115  0.0704 0.0444  0.0495  0.0073  224 HOH A O     
292 O  O     B HOH E . ? 0.1443 0.2594  0.3245 -0.0012 -0.1010 0.0123  224 HOH A O     
293 O  O     . HOH E . ? 0.1066 0.0964  0.0998 -0.0025 -0.0019 0.0165  225 HOH A O     
294 O  O     . HOH E . ? 0.1906 0.1070  0.2076 -0.0552 0.1461  -0.0307 226 HOH A O     
295 O  O     . HOH E . ? 0.2235 0.2087  0.1522 -0.0191 -0.1114 -0.0064 227 HOH A O     
296 O  O     . HOH E . ? 0.1850 0.0668  0.0557 0.0370  0.0170  -0.0126 228 HOH A O     
297 O  O     . HOH E . ? 0.0283 0.0536  0.0289 0.0218  -0.0054 -0.0031 229 HOH A O     
298 O  O     . HOH E . ? 0.0412 0.0399  0.0295 0.0007  0.0073  0.0017  230 HOH A O     
299 O  O     . HOH E . ? 0.1245 0.0837  0.0761 -0.0147 -0.0225 0.0152  231 HOH A O     
300 O  O     . HOH E . ? 0.0979 0.1780  0.1026 -0.0009 0.0358  0.0773  232 HOH A O     
301 O  O     . HOH E . ? 0.0744 0.0659  0.0382 -0.0080 -0.0098 0.0021  233 HOH A O     
302 O  O     . HOH E . ? 0.2212 0.2029  0.1179 0.0469  0.0129  0.0122  234 HOH A O     
303 O  O     . HOH E . ? 0.3428 0.1797  0.4960 -0.0453 0.2570  0.0369  235 HOH A O     
304 O  O     . HOH E . ? 0.3159 0.5861  0.3081 -0.3336 0.1550  -0.1875 236 HOH A O     
305 O  O     . HOH E . ? 0.0475 0.1335  0.0852 0.0289  0.0211  0.0312  237 HOH A O     
306 O  O     . HOH E . ? 0.0467 0.0070  0.0071 -0.0105 0.0006  0.0045  238 HOH A O     
307 O  O     . HOH E . ? 0.3153 0.2530  0.6625 -0.0689 0.0400  0.2334  239 HOH A O     
308 O  O     . HOH E . ? 0.1623 0.1485  0.2387 0.0433  0.1016  0.0615  240 HOH A O     
309 O  O     . HOH E . ? 0.0292 0.0081  0.0238 0.0182  0.0101  0.0125  241 HOH A O     
310 O  O     . HOH E . ? 0.3104 0.5277  0.0432 0.0324  -0.0208 0.0289  242 HOH A O     
311 O  O     . HOH E . ? 0.0752 0.0502  0.0980 0.0139  -0.0165 0.0007  243 HOH A O     
312 O  O     . HOH E . ? 0.0506 0.0528  0.0378 -0.0028 0.0195  0.0113  244 HOH A O     
313 O  O     A HOH E . ? 0.3571 0.1853  0.1599 -0.0986 -0.0632 -0.0360 245 HOH A O     
314 O  O     B HOH E . ? 0.3202 0.1284  0.1269 -0.0308 0.0329  -0.0352 245 HOH A O     
315 O  O     . HOH E . ? 0.5687 0.2521  0.4633 -0.1923 -0.1527 0.2054  246 HOH A O     
316 O  O     . HOH E . ? 0.0133 0.0066  0.0087 0.0032  0.0098  0.0042  247 HOH A O     
317 O  O     . HOH E . ? 0.4555 0.4987  0.9594 -0.1038 -0.1367 0.0192  248 HOH A O     
318 O  O     . HOH E . ? 0.8767 1.0967  0.3518 -0.1326 0.3397  -0.3859 249 HOH A O     
319 O  O     A HOH E . ? 0.0232 0.0367  0.0278 0.0024  0.0045  0.0123  250 HOH A O     
320 O  O     B HOH E . ? 0.0776 0.1344  0.0548 -0.0011 -0.0082 -0.0096 250 HOH A O     
321 O  O     . HOH E . ? 0.0463 0.0722  0.0436 0.0419  -0.0214 -0.0200 251 HOH A O     
322 O  O     . HOH E . ? 0.0625 0.0331  0.0262 0.0286  -0.0098 -0.0055 252 HOH A O     
323 O  O     . HOH E . ? 0.7659 0.9291  0.9147 -0.1771 0.0684  -0.0576 253 HOH A O     
324 O  O     . HOH F . ? 0.0296 0.0355  0.0264 0.0116  0.0107  0.0032  101 HOH B O     
325 O  O     . HOH F . ? 0.0258 0.0349  0.0219 0.0036  0.0013  0.0007  102 HOH B O     
326 O  O     . HOH F . ? 0.0236 0.0511  0.0299 0.0061  -0.0027 0.0003  103 HOH B O     
327 O  O     . HOH F . ? 0.0376 0.0360  0.0279 0.0092  0.0049  0.0039  104 HOH B O     
328 O  O     . HOH F . ? 0.0615 0.0376  0.0393 0.0021  -0.0025 -0.0072 105 HOH B O     
329 O  O     . HOH F . ? 0.0291 0.0364  0.0242 0.0037  0.0010  -0.0035 106 HOH B O     
330 O  O     . HOH F . ? 0.0226 0.0477  0.0375 0.0140  -0.0024 0.0012  107 HOH B O     
331 O  O     A HOH F . ? 0.0353 0.0350  0.0291 0.0149  0.0080  -0.0016 108 HOH B O     
332 O  O     B HOH F . ? 0.0752 0.2832  0.0776 -0.0144 0.0291  -0.0186 108 HOH B O     
333 O  O     . HOH F . ? 0.0479 0.0413  0.0574 -0.0014 0.0048  -0.0037 109 HOH B O     
334 O  O     . HOH F . ? 0.0324 0.0439  0.0253 0.0043  -0.0071 -0.0022 110 HOH B O     
335 O  O     . HOH F . ? 0.0477 0.0514  0.0868 -0.0112 -0.0325 0.0293  111 HOH B O     
336 O  O     A HOH F . ? 0.0252 0.0131  0.0460 -0.0023 -0.0236 0.0018  112 HOH B O     
337 O  O     B HOH F . ? 0.0204 0.1913  0.2889 0.0021  0.0326  -0.0239 112 HOH B O     
338 O  O     . HOH F . ? 0.0274 0.0625  0.0268 0.0211  -0.0043 -0.0110 113 HOH B O     
339 O  O     . HOH F . ? 0.0278 0.0492  0.0409 0.0078  -0.0030 0.0033  114 HOH B O     
340 O  O     . HOH F . ? 0.0395 0.0634  0.0367 0.0076  -0.0017 -0.0015 115 HOH B O     
341 O  O     . HOH F . ? 0.1115 0.1129  0.0362 0.0812  0.0287  0.0210  116 HOH B O     
342 O  O     A HOH F . ? 0.0357 0.0332  0.0266 0.0043  -0.0099 -0.0027 117 HOH B O     
343 O  O     B HOH F . ? 0.1860 0.1958  0.1052 -0.0438 -0.0414 0.0367  117 HOH B O     
344 O  O     A HOH F . ? 0.0352 0.0371  0.0430 0.0212  -0.0068 -0.0068 118 HOH B O     
345 O  O     B HOH F . ? 0.0740 0.0679  0.1916 0.0118  0.0389  -0.0005 118 HOH B O     
346 O  O     A HOH F . ? 0.0338 0.0326  0.0245 0.0054  0.0153  -0.0022 119 HOH B O     
347 O  O     B HOH F . ? 0.1677 0.2251  0.0599 -0.0716 -0.0233 -0.0123 119 HOH B O     
348 O  O     A HOH F . ? 0.1430 0.2049  0.1397 0.0429  0.0277  0.0183  120 HOH B O     
349 O  O     B HOH F . ? 0.1248 0.0893  0.0673 -0.0040 0.0338  0.0251  120 HOH B O     
350 O  O     A HOH F . ? 0.0161 0.0243  0.0219 -0.0023 -0.0011 0.0056  121 HOH B O     
351 O  O     B HOH F . ? 0.1804 0.1994  0.1131 0.0274  -0.0053 -0.0238 121 HOH B O     
352 O  O     . HOH F . ? 0.0102 0.0208  0.0100 -0.0005 0.0023  -0.0031 122 HOH B O     
353 O  O     . HOH F . ? 0.0570 0.2071  0.0692 0.0640  0.0140  0.0582  123 HOH B O     
354 O  O     . HOH F . ? 0.1571 0.2180  0.0709 0.1662  -0.0804 -0.0992 124 HOH B O     
355 O  O     . HOH F . ? 0.2617 0.1376  0.5364 0.1281  -0.2676 -0.0999 125 HOH B O     
356 O  O     . HOH F . ? 0.2808 0.5927  0.1584 0.0641  0.1087  -0.1068 126 HOH B O     
357 O  O     . HOH F . ? 0.4374 0.2679  0.1054 -0.2061 -0.0252 0.0224  127 HOH B O     
358 O  O     . HOH F . ? 0.2790 0.5518  0.0914 -0.1567 0.0370  -0.1532 128 HOH B O     
359 O  O     . HOH F . ? 0.4367 0.4432  0.1169 0.3534  -0.1454 -0.1639 129 HOH B O     
360 O  O     A HOH F . ? 0.0544 0.1646  0.0643 0.0387  0.0134  0.0188  130 HOH B O     
361 O  O     B HOH F . ? 0.1489 0.3719  0.1446 0.1421  0.0040  -0.0846 130 HOH B O     
362 O  O     . HOH F . ? 0.0456 0.1091  0.0659 -0.0203 -0.0057 0.0059  131 HOH B O     
363 O  O     . HOH F . ? 0.2721 0.1919  0.1204 0.1665  -0.0015 0.0528  132 HOH B O     
364 O  O     A HOH F . ? 0.1922 0.1770  0.1699 -0.0812 -0.0573 0.0881  133 HOH B O     
365 O  O     B HOH F . ? 0.0285 0.0980  0.0542 0.0103  0.0162  -0.0121 133 HOH B O     
366 O  O     . HOH F . ? 0.0742 0.1670  0.1711 0.0263  0.0584  0.0945  134 HOH B O     
367 O  O     . HOH F . ? 0.0418 0.0523  0.0460 0.0145  0.0043  -0.0064 135 HOH B O     
368 O  O     . HOH F . ? 0.0363 0.0423  0.0366 0.0108  0.0051  0.0008  136 HOH B O     
369 O  O     . HOH F . ? 0.2704 0.2289  0.0954 -0.0336 0.0264  0.0355  137 HOH B O     
370 O  O     . HOH F . ? 0.0347 0.0443  0.0237 0.0110  0.0005  -0.0091 138 HOH B O     
371 O  O     . HOH F . ? 0.8007 0.5060  0.1887 0.0250  -0.2837 0.0138  139 HOH B O     
# 
loop_
_pdbx_poly_seq_scheme.asym_id 
_pdbx_poly_seq_scheme.entity_id 
_pdbx_poly_seq_scheme.seq_id 
_pdbx_poly_seq_scheme.mon_id 
_pdbx_poly_seq_scheme.ndb_seq_num 
_pdbx_poly_seq_scheme.pdb_seq_num 
_pdbx_poly_seq_scheme.auth_seq_num 
_pdbx_poly_seq_scheme.pdb_mon_id 
_pdbx_poly_seq_scheme.auth_mon_id 
_pdbx_poly_seq_scheme.pdb_strand_id 
_pdbx_poly_seq_scheme.pdb_ins_code 
_pdbx_poly_seq_scheme.hetero 
A 1 1 DC 1 1  1  DC DC A . n 
A 1 2 DG 2 2  2  DG DG A . n 
A 1 3 DC 3 3  3  DC DC A . n 
A 1 4 DG 4 4  4  DG DG A . n 
A 1 5 DC 5 5  5  DC DC A . n 
A 1 6 DG 6 6  6  DG DG A . n 
B 1 1 DC 1 7  7  DC DC B . n 
B 1 2 DG 2 8  8  DG DG B . n 
B 1 3 DC 3 9  9  DC DC B . n 
B 1 4 DG 4 10 10 DG DG B . n 
B 1 5 DC 5 11 11 DC DC B . n 
B 1 6 DG 6 12 12 DG DG B . n 
# 
loop_
_pdbx_nonpoly_scheme.asym_id 
_pdbx_nonpoly_scheme.entity_id 
_pdbx_nonpoly_scheme.mon_id 
_pdbx_nonpoly_scheme.ndb_seq_num 
_pdbx_nonpoly_scheme.pdb_seq_num 
_pdbx_nonpoly_scheme.auth_seq_num 
_pdbx_nonpoly_scheme.pdb_mon_id 
_pdbx_nonpoly_scheme.auth_mon_id 
_pdbx_nonpoly_scheme.pdb_strand_id 
_pdbx_nonpoly_scheme.pdb_ins_code 
C 2 SPK 1  101 13  SPK SPK A . 
D 3 MN  1  102 14  MN  MN  A . 
E 4 HOH 1  201 16  HOH HOH A . 
E 4 HOH 2  202 17  HOH HOH A . 
E 4 HOH 3  203 19  HOH HOH A . 
E 4 HOH 4  204 20  HOH HOH A . 
E 4 HOH 5  205 23  HOH HOH A . 
E 4 HOH 6  206 27  HOH HOH A . 
E 4 HOH 7  207 28  HOH HOH A . 
E 4 HOH 8  208 29  HOH HOH A . 
E 4 HOH 9  209 31  HOH HOH A . 
E 4 HOH 10 210 33  HOH HOH A . 
E 4 HOH 11 211 36  HOH HOH A . 
E 4 HOH 12 212 39  HOH HOH A . 
E 4 HOH 13 213 40  HOH HOH A . 
E 4 HOH 14 214 41  HOH HOH A . 
E 4 HOH 15 215 45  HOH HOH A . 
E 4 HOH 16 216 47  HOH HOH A . 
E 4 HOH 17 217 49  HOH HOH A . 
E 4 HOH 18 218 50  HOH HOH A . 
E 4 HOH 19 219 52  HOH HOH A . 
E 4 HOH 20 220 53  HOH HOH A . 
E 4 HOH 21 221 54  HOH HOH A . 
E 4 HOH 22 222 55  HOH HOH A . 
E 4 HOH 23 223 56  HOH HOH A . 
E 4 HOH 24 224 62  HOH HOH A . 
E 4 HOH 25 225 64  HOH HOH A . 
E 4 HOH 26 226 65  HOH HOH A . 
E 4 HOH 27 227 66  HOH HOH A . 
E 4 HOH 28 228 68  HOH HOH A . 
E 4 HOH 29 229 69  HOH HOH A . 
E 4 HOH 30 230 70  HOH HOH A . 
E 4 HOH 31 231 73  HOH HOH A . 
E 4 HOH 32 232 74  HOH HOH A . 
E 4 HOH 33 233 75  HOH HOH A . 
E 4 HOH 34 234 76  HOH HOH A . 
E 4 HOH 35 235 79  HOH HOH A . 
E 4 HOH 36 236 80  HOH HOH A . 
E 4 HOH 37 237 84  HOH HOH A . 
E 4 HOH 38 238 86  HOH HOH A . 
E 4 HOH 39 239 87  HOH HOH A . 
E 4 HOH 40 240 89  HOH HOH A . 
E 4 HOH 41 241 90  HOH HOH A . 
E 4 HOH 42 242 91  HOH HOH A . 
E 4 HOH 43 243 93  HOH HOH A . 
E 4 HOH 44 244 94  HOH HOH A . 
E 4 HOH 45 245 99  HOH HOH A . 
E 4 HOH 46 246 102 HOH HOH A . 
E 4 HOH 47 247 103 HOH HOH A . 
E 4 HOH 48 248 104 HOH HOH A . 
E 4 HOH 49 249 105 HOH HOH A . 
E 4 HOH 50 250 106 HOH HOH A . 
E 4 HOH 51 251 107 HOH HOH A . 
E 4 HOH 52 252 108 HOH HOH A . 
E 4 HOH 53 253 109 HOH HOH A . 
F 4 HOH 1  101 15  HOH HOH B . 
F 4 HOH 2  102 18  HOH HOH B . 
F 4 HOH 3  103 21  HOH HOH B . 
F 4 HOH 4  104 22  HOH HOH B . 
F 4 HOH 5  105 24  HOH HOH B . 
F 4 HOH 6  106 26  HOH HOH B . 
F 4 HOH 7  107 32  HOH HOH B . 
F 4 HOH 8  108 34  HOH HOH B . 
F 4 HOH 9  109 35  HOH HOH B . 
F 4 HOH 10 110 37  HOH HOH B . 
F 4 HOH 11 111 38  HOH HOH B . 
F 4 HOH 12 112 42  HOH HOH B . 
F 4 HOH 13 113 43  HOH HOH B . 
F 4 HOH 14 114 46  HOH HOH B . 
F 4 HOH 15 115 48  HOH HOH B . 
F 4 HOH 16 116 51  HOH HOH B . 
F 4 HOH 17 117 57  HOH HOH B . 
F 4 HOH 18 118 58  HOH HOH B . 
F 4 HOH 19 119 59  HOH HOH B . 
F 4 HOH 20 120 60  HOH HOH B . 
F 4 HOH 21 121 61  HOH HOH B . 
F 4 HOH 22 122 63  HOH HOH B . 
F 4 HOH 23 123 67  HOH HOH B . 
F 4 HOH 24 124 71  HOH HOH B . 
F 4 HOH 25 125 72  HOH HOH B . 
F 4 HOH 26 126 77  HOH HOH B . 
F 4 HOH 27 127 78  HOH HOH B . 
F 4 HOH 28 128 81  HOH HOH B . 
F 4 HOH 29 129 82  HOH HOH B . 
F 4 HOH 30 130 83  HOH HOH B . 
F 4 HOH 31 131 85  HOH HOH B . 
F 4 HOH 32 132 88  HOH HOH B . 
F 4 HOH 33 133 92  HOH HOH B . 
F 4 HOH 34 134 95  HOH HOH B . 
F 4 HOH 35 135 96  HOH HOH B . 
F 4 HOH 36 136 97  HOH HOH B . 
F 4 HOH 37 137 98  HOH HOH B . 
F 4 HOH 38 138 100 HOH HOH B . 
F 4 HOH 39 139 101 HOH HOH B . 
# 
_pdbx_struct_assembly.id                   1 
_pdbx_struct_assembly.details              author_and_software_defined_assembly 
_pdbx_struct_assembly.method_details       PISA 
_pdbx_struct_assembly.oligomeric_details   dimeric 
_pdbx_struct_assembly.oligomeric_count     2 
# 
_pdbx_struct_assembly_gen.assembly_id       1 
_pdbx_struct_assembly_gen.oper_expression   1 
_pdbx_struct_assembly_gen.asym_id_list      A,B,C,D,E,F 
# 
loop_
_pdbx_struct_assembly_prop.biol_id 
_pdbx_struct_assembly_prop.type 
_pdbx_struct_assembly_prop.value 
_pdbx_struct_assembly_prop.details 
1 'ABSA (A^2)' 940  ? 
1 MORE         -13  ? 
1 'SSA (A^2)'  2620 ? 
# 
_pdbx_struct_oper_list.id                   1 
_pdbx_struct_oper_list.type                 'identity operation' 
_pdbx_struct_oper_list.name                 1_555 
_pdbx_struct_oper_list.symmetry_operation   x,y,z 
_pdbx_struct_oper_list.matrix[1][1]         1.0000000000 
_pdbx_struct_oper_list.matrix[1][2]         0.0000000000 
_pdbx_struct_oper_list.matrix[1][3]         0.0000000000 
_pdbx_struct_oper_list.vector[1]            0.0000000000 
_pdbx_struct_oper_list.matrix[2][1]         0.0000000000 
_pdbx_struct_oper_list.matrix[2][2]         1.0000000000 
_pdbx_struct_oper_list.matrix[2][3]         0.0000000000 
_pdbx_struct_oper_list.vector[2]            0.0000000000 
_pdbx_struct_oper_list.matrix[3][1]         0.0000000000 
_pdbx_struct_oper_list.matrix[3][2]         0.0000000000 
_pdbx_struct_oper_list.matrix[3][3]         1.0000000000 
_pdbx_struct_oper_list.vector[3]            0.0000000000 
# 
loop_
_pdbx_struct_conn_angle.id 
_pdbx_struct_conn_angle.ptnr1_label_atom_id 
_pdbx_struct_conn_angle.ptnr1_label_alt_id 
_pdbx_struct_conn_angle.ptnr1_label_asym_id 
_pdbx_struct_conn_angle.ptnr1_label_comp_id 
_pdbx_struct_conn_angle.ptnr1_label_seq_id 
_pdbx_struct_conn_angle.ptnr1_auth_atom_id 
_pdbx_struct_conn_angle.ptnr1_auth_asym_id 
_pdbx_struct_conn_angle.ptnr1_auth_comp_id 
_pdbx_struct_conn_angle.ptnr1_auth_seq_id 
_pdbx_struct_conn_angle.ptnr1_PDB_ins_code 
_pdbx_struct_conn_angle.ptnr1_symmetry 
_pdbx_struct_conn_angle.ptnr2_label_atom_id 
_pdbx_struct_conn_angle.ptnr2_label_alt_id 
_pdbx_struct_conn_angle.ptnr2_label_asym_id 
_pdbx_struct_conn_angle.ptnr2_label_comp_id 
_pdbx_struct_conn_angle.ptnr2_label_seq_id 
_pdbx_struct_conn_angle.ptnr2_auth_atom_id 
_pdbx_struct_conn_angle.ptnr2_auth_asym_id 
_pdbx_struct_conn_angle.ptnr2_auth_comp_id 
_pdbx_struct_conn_angle.ptnr2_auth_seq_id 
_pdbx_struct_conn_angle.ptnr2_PDB_ins_code 
_pdbx_struct_conn_angle.ptnr2_symmetry 
_pdbx_struct_conn_angle.ptnr3_label_atom_id 
_pdbx_struct_conn_angle.ptnr3_label_alt_id 
_pdbx_struct_conn_angle.ptnr3_label_asym_id 
_pdbx_struct_conn_angle.ptnr3_label_comp_id 
_pdbx_struct_conn_angle.ptnr3_label_seq_id 
_pdbx_struct_conn_angle.ptnr3_auth_atom_id 
_pdbx_struct_conn_angle.ptnr3_auth_asym_id 
_pdbx_struct_conn_angle.ptnr3_auth_comp_id 
_pdbx_struct_conn_angle.ptnr3_auth_seq_id 
_pdbx_struct_conn_angle.ptnr3_PDB_ins_code 
_pdbx_struct_conn_angle.ptnr3_symmetry 
_pdbx_struct_conn_angle.value 
_pdbx_struct_conn_angle.value_esd 
1  N7 ? A DG  6 ? A DG  6   ? 1_555 MN ? D MN . ? A MN 102 ? 1_555 O A E HOH . ? A HOH 203 ? 1_555 91.6  ? 
2  N7 ? A DG  6 ? A DG  6   ? 1_555 MN ? D MN . ? A MN 102 ? 1_555 O B E HOH . ? A HOH 203 ? 1_555 86.8  ? 
3  O  A E HOH . ? A HOH 203 ? 1_555 MN ? D MN . ? A MN 102 ? 1_555 O B E HOH . ? A HOH 203 ? 1_555 8.4   ? 
4  N7 ? A DG  6 ? A DG  6   ? 1_555 MN ? D MN . ? A MN 102 ? 1_555 O A E HOH . ? A HOH 216 ? 1_555 92.1  ? 
5  O  A E HOH . ? A HOH 203 ? 1_555 MN ? D MN . ? A MN 102 ? 1_555 O A E HOH . ? A HOH 216 ? 1_555 96.9  ? 
6  O  B E HOH . ? A HOH 203 ? 1_555 MN ? D MN . ? A MN 102 ? 1_555 O A E HOH . ? A HOH 216 ? 1_555 103.9 ? 
7  N7 ? A DG  6 ? A DG  6   ? 1_555 MN ? D MN . ? A MN 102 ? 1_555 O B E HOH . ? A HOH 216 ? 1_555 87.0  ? 
8  O  A E HOH . ? A HOH 203 ? 1_555 MN ? D MN . ? A MN 102 ? 1_555 O B E HOH . ? A HOH 216 ? 1_555 69.7  ? 
9  O  B E HOH . ? A HOH 203 ? 1_555 MN ? D MN . ? A MN 102 ? 1_555 O B E HOH . ? A HOH 216 ? 1_555 76.3  ? 
10 O  A E HOH . ? A HOH 216 ? 1_555 MN ? D MN . ? A MN 102 ? 1_555 O B E HOH . ? A HOH 216 ? 1_555 27.9  ? 
11 N7 ? A DG  6 ? A DG  6   ? 1_555 MN ? D MN . ? A MN 102 ? 1_555 O B E HOH . ? A HOH 250 ? 1_555 92.5  ? 
12 O  A E HOH . ? A HOH 203 ? 1_555 MN ? D MN . ? A MN 102 ? 1_555 O B E HOH . ? A HOH 250 ? 1_555 148.2 ? 
13 O  B E HOH . ? A HOH 203 ? 1_555 MN ? D MN . ? A MN 102 ? 1_555 O B E HOH . ? A HOH 250 ? 1_555 155.4 ? 
14 O  A E HOH . ? A HOH 216 ? 1_555 MN ? D MN . ? A MN 102 ? 1_555 O B E HOH . ? A HOH 250 ? 1_555 51.5  ? 
15 O  B E HOH . ? A HOH 216 ? 1_555 MN ? D MN . ? A MN 102 ? 1_555 O B E HOH . ? A HOH 250 ? 1_555 79.1  ? 
16 N7 ? A DG  6 ? A DG  6   ? 1_555 MN ? D MN . ? A MN 102 ? 1_555 O A E HOH . ? A HOH 250 ? 1_555 84.6  ? 
17 O  A E HOH . ? A HOH 203 ? 1_555 MN ? D MN . ? A MN 102 ? 1_555 O A E HOH . ? A HOH 250 ? 1_555 174.3 ? 
18 O  B E HOH . ? A HOH 203 ? 1_555 MN ? D MN . ? A MN 102 ? 1_555 O A E HOH . ? A HOH 250 ? 1_555 171.0 ? 
19 O  A E HOH . ? A HOH 216 ? 1_555 MN ? D MN . ? A MN 102 ? 1_555 O A E HOH . ? A HOH 250 ? 1_555 79.1  ? 
20 O  B E HOH . ? A HOH 216 ? 1_555 MN ? D MN . ? A MN 102 ? 1_555 O A E HOH . ? A HOH 250 ? 1_555 105.8 ? 
21 O  B E HOH . ? A HOH 250 ? 1_555 MN ? D MN . ? A MN 102 ? 1_555 O A E HOH . ? A HOH 250 ? 1_555 28.4  ? 
22 N7 ? A DG  6 ? A DG  6   ? 1_555 MN ? D MN . ? A MN 102 ? 1_555 O ? E HOH . ? A HOH 251 ? 1_555 175.9 ? 
23 O  A E HOH . ? A HOH 203 ? 1_555 MN ? D MN . ? A MN 102 ? 1_555 O ? E HOH . ? A HOH 251 ? 1_555 92.4  ? 
24 O  B E HOH . ? A HOH 203 ? 1_555 MN ? D MN . ? A MN 102 ? 1_555 O ? E HOH . ? A HOH 251 ? 1_555 97.0  ? 
25 O  A E HOH . ? A HOH 216 ? 1_555 MN ? D MN . ? A MN 102 ? 1_555 O ? E HOH . ? A HOH 251 ? 1_555 88.4  ? 
26 O  B E HOH . ? A HOH 216 ? 1_555 MN ? D MN . ? A MN 102 ? 1_555 O ? E HOH . ? A HOH 251 ? 1_555 95.4  ? 
27 O  B E HOH . ? A HOH 250 ? 1_555 MN ? D MN . ? A MN 102 ? 1_555 O ? E HOH . ? A HOH 251 ? 1_555 84.6  ? 
28 O  A E HOH . ? A HOH 250 ? 1_555 MN ? D MN . ? A MN 102 ? 1_555 O ? E HOH . ? A HOH 251 ? 1_555 91.5  ? 
29 N7 ? A DG  6 ? A DG  6   ? 1_555 MN ? D MN . ? A MN 102 ? 1_555 O ? E HOH . ? A HOH 252 ? 1_555 93.8  ? 
30 O  A E HOH . ? A HOH 203 ? 1_555 MN ? D MN . ? A MN 102 ? 1_555 O ? E HOH . ? A HOH 252 ? 1_555 92.2  ? 
31 O  B E HOH . ? A HOH 203 ? 1_555 MN ? D MN . ? A MN 102 ? 1_555 O ? E HOH . ? A HOH 252 ? 1_555 85.6  ? 
32 O  A E HOH . ? A HOH 216 ? 1_555 MN ? D MN . ? A MN 102 ? 1_555 O ? E HOH . ? A HOH 252 ? 1_555 169.0 ? 
33 O  B E HOH . ? A HOH 216 ? 1_555 MN ? D MN . ? A MN 102 ? 1_555 O ? E HOH . ? A HOH 252 ? 1_555 161.9 ? 
34 O  B E HOH . ? A HOH 250 ? 1_555 MN ? D MN . ? A MN 102 ? 1_555 O ? E HOH . ? A HOH 252 ? 1_555 118.9 ? 
35 O  A E HOH . ? A HOH 250 ? 1_555 MN ? D MN . ? A MN 102 ? 1_555 O ? E HOH . ? A HOH 252 ? 1_555 92.3  ? 
36 O  ? E HOH . ? A HOH 251 ? 1_555 MN ? D MN . ? A MN 102 ? 1_555 O ? E HOH . ? A HOH 252 ? 1_555 85.0  ? 
# 
loop_
_pdbx_audit_revision_history.ordinal 
_pdbx_audit_revision_history.data_content_type 
_pdbx_audit_revision_history.major_revision 
_pdbx_audit_revision_history.minor_revision 
_pdbx_audit_revision_history.revision_date 
1 'Structure model' 1 0 2013-06-05 
2 'Structure model' 1 1 2023-09-20 
# 
_pdbx_audit_revision_details.ordinal             1 
_pdbx_audit_revision_details.revision_ordinal    1 
_pdbx_audit_revision_details.data_content_type   'Structure model' 
_pdbx_audit_revision_details.provider            repository 
_pdbx_audit_revision_details.type                'Initial release' 
_pdbx_audit_revision_details.description         ? 
_pdbx_audit_revision_details.details             ? 
# 
loop_
_pdbx_audit_revision_group.ordinal 
_pdbx_audit_revision_group.revision_ordinal 
_pdbx_audit_revision_group.data_content_type 
_pdbx_audit_revision_group.group 
1 2 'Structure model' 'Data collection'        
2 2 'Structure model' 'Database references'    
3 2 'Structure model' 'Derived calculations'   
4 2 'Structure model' 'Refinement description' 
# 
loop_
_pdbx_audit_revision_category.ordinal 
_pdbx_audit_revision_category.revision_ordinal 
_pdbx_audit_revision_category.data_content_type 
_pdbx_audit_revision_category.category 
1 2 'Structure model' chem_comp_atom                
2 2 'Structure model' chem_comp_bond                
3 2 'Structure model' database_2                    
4 2 'Structure model' diffrn_source                 
5 2 'Structure model' pdbx_initial_refinement_model 
6 2 'Structure model' pdbx_struct_conn_angle        
7 2 'Structure model' struct_conn                   
8 2 'Structure model' struct_site                   
# 
loop_
_pdbx_audit_revision_item.ordinal 
_pdbx_audit_revision_item.revision_ordinal 
_pdbx_audit_revision_item.data_content_type 
_pdbx_audit_revision_item.item 
1  2 'Structure model' '_database_2.pdbx_DOI'                        
2  2 'Structure model' '_database_2.pdbx_database_accession'         
3  2 'Structure model' '_diffrn_source.pdbx_synchrotron_site'        
4  2 'Structure model' '_pdbx_struct_conn_angle.ptnr1_auth_comp_id'  
5  2 'Structure model' '_pdbx_struct_conn_angle.ptnr1_auth_seq_id'   
6  2 'Structure model' '_pdbx_struct_conn_angle.ptnr1_label_alt_id'  
7  2 'Structure model' '_pdbx_struct_conn_angle.ptnr1_label_asym_id' 
8  2 'Structure model' '_pdbx_struct_conn_angle.ptnr1_label_atom_id' 
9  2 'Structure model' '_pdbx_struct_conn_angle.ptnr1_label_comp_id' 
10 2 'Structure model' '_pdbx_struct_conn_angle.ptnr1_label_seq_id'  
11 2 'Structure model' '_pdbx_struct_conn_angle.ptnr3_auth_comp_id'  
12 2 'Structure model' '_pdbx_struct_conn_angle.ptnr3_auth_seq_id'   
13 2 'Structure model' '_pdbx_struct_conn_angle.ptnr3_label_alt_id'  
14 2 'Structure model' '_pdbx_struct_conn_angle.ptnr3_label_asym_id' 
15 2 'Structure model' '_pdbx_struct_conn_angle.ptnr3_label_atom_id' 
16 2 'Structure model' '_pdbx_struct_conn_angle.ptnr3_label_comp_id' 
17 2 'Structure model' '_pdbx_struct_conn_angle.ptnr3_label_seq_id'  
18 2 'Structure model' '_pdbx_struct_conn_angle.value'               
19 2 'Structure model' '_struct_conn.pdbx_dist_value'                
20 2 'Structure model' '_struct_conn.pdbx_ptnr2_label_alt_id'        
21 2 'Structure model' '_struct_conn.ptnr1_auth_comp_id'             
22 2 'Structure model' '_struct_conn.ptnr1_auth_seq_id'              
23 2 'Structure model' '_struct_conn.ptnr1_label_asym_id'            
24 2 'Structure model' '_struct_conn.ptnr1_label_atom_id'            
25 2 'Structure model' '_struct_conn.ptnr1_label_comp_id'            
26 2 'Structure model' '_struct_conn.ptnr1_label_seq_id'             
27 2 'Structure model' '_struct_conn.ptnr2_auth_comp_id'             
28 2 'Structure model' '_struct_conn.ptnr2_auth_seq_id'              
29 2 'Structure model' '_struct_conn.ptnr2_label_asym_id'            
30 2 'Structure model' '_struct_conn.ptnr2_label_atom_id'            
31 2 'Structure model' '_struct_conn.ptnr2_label_comp_id'            
32 2 'Structure model' '_struct_site.pdbx_auth_asym_id'              
33 2 'Structure model' '_struct_site.pdbx_auth_comp_id'              
34 2 'Structure model' '_struct_site.pdbx_auth_seq_id'               
# 
loop_
_software.name 
_software.classification 
_software.version 
_software.citation_id 
_software.pdbx_ordinal 
MAR345dtb 'data collection' . ? 1 
PHASER    phasing           . ? 2 
SHELXL-97 refinement        . ? 3 
XDS       'data reduction'  . ? 4 
XSCALE    'data scaling'    . ? 5 
# 
loop_
_chem_comp_atom.comp_id 
_chem_comp_atom.atom_id 
_chem_comp_atom.type_symbol 
_chem_comp_atom.pdbx_aromatic_flag 
_chem_comp_atom.pdbx_stereo_config 
_chem_comp_atom.pdbx_ordinal 
DC  OP3    O  N N 1   
DC  P      P  N N 2   
DC  OP1    O  N N 3   
DC  OP2    O  N N 4   
DC  "O5'"  O  N N 5   
DC  "C5'"  C  N N 6   
DC  "C4'"  C  N R 7   
DC  "O4'"  O  N N 8   
DC  "C3'"  C  N S 9   
DC  "O3'"  O  N N 10  
DC  "C2'"  C  N N 11  
DC  "C1'"  C  N R 12  
DC  N1     N  N N 13  
DC  C2     C  N N 14  
DC  O2     O  N N 15  
DC  N3     N  N N 16  
DC  C4     C  N N 17  
DC  N4     N  N N 18  
DC  C5     C  N N 19  
DC  C6     C  N N 20  
DC  HOP3   H  N N 21  
DC  HOP2   H  N N 22  
DC  "H5'"  H  N N 23  
DC  "H5''" H  N N 24  
DC  "H4'"  H  N N 25  
DC  "H3'"  H  N N 26  
DC  "HO3'" H  N N 27  
DC  "H2'"  H  N N 28  
DC  "H2''" H  N N 29  
DC  "H1'"  H  N N 30  
DC  H41    H  N N 31  
DC  H42    H  N N 32  
DC  H5     H  N N 33  
DC  H6     H  N N 34  
DG  OP3    O  N N 35  
DG  P      P  N N 36  
DG  OP1    O  N N 37  
DG  OP2    O  N N 38  
DG  "O5'"  O  N N 39  
DG  "C5'"  C  N N 40  
DG  "C4'"  C  N R 41  
DG  "O4'"  O  N N 42  
DG  "C3'"  C  N S 43  
DG  "O3'"  O  N N 44  
DG  "C2'"  C  N N 45  
DG  "C1'"  C  N R 46  
DG  N9     N  Y N 47  
DG  C8     C  Y N 48  
DG  N7     N  Y N 49  
DG  C5     C  Y N 50  
DG  C6     C  N N 51  
DG  O6     O  N N 52  
DG  N1     N  N N 53  
DG  C2     C  N N 54  
DG  N2     N  N N 55  
DG  N3     N  N N 56  
DG  C4     C  Y N 57  
DG  HOP3   H  N N 58  
DG  HOP2   H  N N 59  
DG  "H5'"  H  N N 60  
DG  "H5''" H  N N 61  
DG  "H4'"  H  N N 62  
DG  "H3'"  H  N N 63  
DG  "HO3'" H  N N 64  
DG  "H2'"  H  N N 65  
DG  "H2''" H  N N 66  
DG  "H1'"  H  N N 67  
DG  H8     H  N N 68  
DG  H1     H  N N 69  
DG  H21    H  N N 70  
DG  H22    H  N N 71  
HOH O      O  N N 72  
HOH H1     H  N N 73  
HOH H2     H  N N 74  
MN  MN     MN N N 75  
SPK N1     N  N N 76  
SPK C2     C  N N 77  
SPK C3     C  N N 78  
SPK C4     C  N N 79  
SPK N5     N  N N 80  
SPK C6     C  N N 81  
SPK C7     C  N N 82  
SPK C8     C  N N 83  
SPK C9     C  N N 84  
SPK N10    N  N N 85  
SPK C11    C  N N 86  
SPK C12    C  N N 87  
SPK C13    C  N N 88  
SPK N14    N  N N 89  
SPK H1A    H  N N 90  
SPK H1B    H  N N 91  
SPK H1C    H  N N 92  
SPK H2A    H  N N 93  
SPK H2B    H  N N 94  
SPK H3A    H  N N 95  
SPK H3B    H  N N 96  
SPK H4A    H  N N 97  
SPK H4B    H  N N 98  
SPK H5A    H  N N 99  
SPK H5B    H  N N 100 
SPK H6A    H  N N 101 
SPK H6B    H  N N 102 
SPK H7A    H  N N 103 
SPK H7B    H  N N 104 
SPK H8A    H  N N 105 
SPK H8B    H  N N 106 
SPK H9A    H  N N 107 
SPK H9B    H  N N 108 
SPK H101   H  N N 109 
SPK H102   H  N N 110 
SPK H111   H  N N 111 
SPK H112   H  N N 112 
SPK H121   H  N N 113 
SPK H122   H  N N 114 
SPK H131   H  N N 115 
SPK H132   H  N N 116 
SPK H141   H  N N 117 
SPK H142   H  N N 118 
SPK H143   H  N N 119 
# 
loop_
_chem_comp_bond.comp_id 
_chem_comp_bond.atom_id_1 
_chem_comp_bond.atom_id_2 
_chem_comp_bond.value_order 
_chem_comp_bond.pdbx_aromatic_flag 
_chem_comp_bond.pdbx_stereo_config 
_chem_comp_bond.pdbx_ordinal 
DC  OP3   P      sing N N 1   
DC  OP3   HOP3   sing N N 2   
DC  P     OP1    doub N N 3   
DC  P     OP2    sing N N 4   
DC  P     "O5'"  sing N N 5   
DC  OP2   HOP2   sing N N 6   
DC  "O5'" "C5'"  sing N N 7   
DC  "C5'" "C4'"  sing N N 8   
DC  "C5'" "H5'"  sing N N 9   
DC  "C5'" "H5''" sing N N 10  
DC  "C4'" "O4'"  sing N N 11  
DC  "C4'" "C3'"  sing N N 12  
DC  "C4'" "H4'"  sing N N 13  
DC  "O4'" "C1'"  sing N N 14  
DC  "C3'" "O3'"  sing N N 15  
DC  "C3'" "C2'"  sing N N 16  
DC  "C3'" "H3'"  sing N N 17  
DC  "O3'" "HO3'" sing N N 18  
DC  "C2'" "C1'"  sing N N 19  
DC  "C2'" "H2'"  sing N N 20  
DC  "C2'" "H2''" sing N N 21  
DC  "C1'" N1     sing N N 22  
DC  "C1'" "H1'"  sing N N 23  
DC  N1    C2     sing N N 24  
DC  N1    C6     sing N N 25  
DC  C2    O2     doub N N 26  
DC  C2    N3     sing N N 27  
DC  N3    C4     doub N N 28  
DC  C4    N4     sing N N 29  
DC  C4    C5     sing N N 30  
DC  N4    H41    sing N N 31  
DC  N4    H42    sing N N 32  
DC  C5    C6     doub N N 33  
DC  C5    H5     sing N N 34  
DC  C6    H6     sing N N 35  
DG  OP3   P      sing N N 36  
DG  OP3   HOP3   sing N N 37  
DG  P     OP1    doub N N 38  
DG  P     OP2    sing N N 39  
DG  P     "O5'"  sing N N 40  
DG  OP2   HOP2   sing N N 41  
DG  "O5'" "C5'"  sing N N 42  
DG  "C5'" "C4'"  sing N N 43  
DG  "C5'" "H5'"  sing N N 44  
DG  "C5'" "H5''" sing N N 45  
DG  "C4'" "O4'"  sing N N 46  
DG  "C4'" "C3'"  sing N N 47  
DG  "C4'" "H4'"  sing N N 48  
DG  "O4'" "C1'"  sing N N 49  
DG  "C3'" "O3'"  sing N N 50  
DG  "C3'" "C2'"  sing N N 51  
DG  "C3'" "H3'"  sing N N 52  
DG  "O3'" "HO3'" sing N N 53  
DG  "C2'" "C1'"  sing N N 54  
DG  "C2'" "H2'"  sing N N 55  
DG  "C2'" "H2''" sing N N 56  
DG  "C1'" N9     sing N N 57  
DG  "C1'" "H1'"  sing N N 58  
DG  N9    C8     sing Y N 59  
DG  N9    C4     sing Y N 60  
DG  C8    N7     doub Y N 61  
DG  C8    H8     sing N N 62  
DG  N7    C5     sing Y N 63  
DG  C5    C6     sing N N 64  
DG  C5    C4     doub Y N 65  
DG  C6    O6     doub N N 66  
DG  C6    N1     sing N N 67  
DG  N1    C2     sing N N 68  
DG  N1    H1     sing N N 69  
DG  C2    N2     sing N N 70  
DG  C2    N3     doub N N 71  
DG  N2    H21    sing N N 72  
DG  N2    H22    sing N N 73  
DG  N3    C4     sing N N 74  
HOH O     H1     sing N N 75  
HOH O     H2     sing N N 76  
SPK N1    C2     sing N N 77  
SPK N1    H1A    sing N N 78  
SPK N1    H1B    sing N N 79  
SPK N1    H1C    sing N N 80  
SPK C2    C3     sing N N 81  
SPK C2    H2A    sing N N 82  
SPK C2    H2B    sing N N 83  
SPK C3    C4     sing N N 84  
SPK C3    H3A    sing N N 85  
SPK C3    H3B    sing N N 86  
SPK C4    N5     sing N N 87  
SPK C4    H4A    sing N N 88  
SPK C4    H4B    sing N N 89  
SPK N5    C6     sing N N 90  
SPK N5    H5A    sing N N 91  
SPK N5    H5B    sing N N 92  
SPK C6    C7     sing N N 93  
SPK C6    H6A    sing N N 94  
SPK C6    H6B    sing N N 95  
SPK C7    C8     sing N N 96  
SPK C7    H7A    sing N N 97  
SPK C7    H7B    sing N N 98  
SPK C8    C9     sing N N 99  
SPK C8    H8A    sing N N 100 
SPK C8    H8B    sing N N 101 
SPK C9    N10    sing N N 102 
SPK C9    H9A    sing N N 103 
SPK C9    H9B    sing N N 104 
SPK N10   C11    sing N N 105 
SPK N10   H101   sing N N 106 
SPK N10   H102   sing N N 107 
SPK C11   C12    sing N N 108 
SPK C11   H111   sing N N 109 
SPK C11   H112   sing N N 110 
SPK C12   C13    sing N N 111 
SPK C12   H121   sing N N 112 
SPK C12   H122   sing N N 113 
SPK C13   N14    sing N N 114 
SPK C13   H131   sing N N 115 
SPK C13   H132   sing N N 116 
SPK N14   H141   sing N N 117 
SPK N14   H142   sing N N 118 
SPK N14   H143   sing N N 119 
# 
_ndb_struct_conf_na.entry_id   4HIG 
_ndb_struct_conf_na.feature    'z-form double helix' 
# 
loop_
_ndb_struct_na_base_pair.model_number 
_ndb_struct_na_base_pair.i_label_asym_id 
_ndb_struct_na_base_pair.i_label_comp_id 
_ndb_struct_na_base_pair.i_label_seq_id 
_ndb_struct_na_base_pair.i_symmetry 
_ndb_struct_na_base_pair.j_label_asym_id 
_ndb_struct_na_base_pair.j_label_comp_id 
_ndb_struct_na_base_pair.j_label_seq_id 
_ndb_struct_na_base_pair.j_symmetry 
_ndb_struct_na_base_pair.shear 
_ndb_struct_na_base_pair.stretch 
_ndb_struct_na_base_pair.stagger 
_ndb_struct_na_base_pair.buckle 
_ndb_struct_na_base_pair.propeller 
_ndb_struct_na_base_pair.opening 
_ndb_struct_na_base_pair.pair_number 
_ndb_struct_na_base_pair.pair_name 
_ndb_struct_na_base_pair.i_auth_asym_id 
_ndb_struct_na_base_pair.i_auth_seq_id 
_ndb_struct_na_base_pair.i_PDB_ins_code 
_ndb_struct_na_base_pair.j_auth_asym_id 
_ndb_struct_na_base_pair.j_auth_seq_id 
_ndb_struct_na_base_pair.j_PDB_ins_code 
_ndb_struct_na_base_pair.hbond_type_28 
_ndb_struct_na_base_pair.hbond_type_12 
1 A DC 1 1_555 B DG 6 1_555 -0.251 -0.165 0.253  0.652  -2.477 1.004 1 A_DC1:DG12_B A 1 ? B 12 ? 19 1 
1 A DG 2 1_555 B DC 5 1_555 0.241  -0.168 -0.103 -7.376 -5.475 1.952 2 A_DG2:DC11_B A 2 ? B 11 ? 19 1 
1 A DC 3 1_555 B DG 4 1_555 -0.252 -0.151 -0.040 5.260  -4.092 1.825 3 A_DC3:DG10_B A 3 ? B 10 ? 19 1 
1 A DG 4 1_555 B DC 3 1_555 0.199  -0.136 0.058  -8.235 0.677  2.372 4 A_DG4:DC9_B  A 4 ? B 9  ? 19 1 
1 A DC 5 1_555 B DG 2 1_555 -0.119 -0.128 -0.027 0.716  0.159  3.118 5 A_DC5:DG8_B  A 5 ? B 8  ? 19 1 
1 A DG 6 1_555 B DC 1 1_555 0.321  -0.185 0.230  3.877  6.111  2.825 6 A_DG6:DC7_B  A 6 ? B 7  ? 19 1 
# 
loop_
_ndb_struct_na_base_pair_step.model_number 
_ndb_struct_na_base_pair_step.i_label_asym_id_1 
_ndb_struct_na_base_pair_step.i_label_comp_id_1 
_ndb_struct_na_base_pair_step.i_label_seq_id_1 
_ndb_struct_na_base_pair_step.i_symmetry_1 
_ndb_struct_na_base_pair_step.j_label_asym_id_1 
_ndb_struct_na_base_pair_step.j_label_comp_id_1 
_ndb_struct_na_base_pair_step.j_label_seq_id_1 
_ndb_struct_na_base_pair_step.j_symmetry_1 
_ndb_struct_na_base_pair_step.i_label_asym_id_2 
_ndb_struct_na_base_pair_step.i_label_comp_id_2 
_ndb_struct_na_base_pair_step.i_label_seq_id_2 
_ndb_struct_na_base_pair_step.i_symmetry_2 
_ndb_struct_na_base_pair_step.j_label_asym_id_2 
_ndb_struct_na_base_pair_step.j_label_comp_id_2 
_ndb_struct_na_base_pair_step.j_label_seq_id_2 
_ndb_struct_na_base_pair_step.j_symmetry_2 
_ndb_struct_na_base_pair_step.shift 
_ndb_struct_na_base_pair_step.slide 
_ndb_struct_na_base_pair_step.rise 
_ndb_struct_na_base_pair_step.tilt 
_ndb_struct_na_base_pair_step.roll 
_ndb_struct_na_base_pair_step.twist 
_ndb_struct_na_base_pair_step.x_displacement 
_ndb_struct_na_base_pair_step.y_displacement 
_ndb_struct_na_base_pair_step.helical_rise 
_ndb_struct_na_base_pair_step.inclination 
_ndb_struct_na_base_pair_step.tip 
_ndb_struct_na_base_pair_step.helical_twist 
_ndb_struct_na_base_pair_step.step_number 
_ndb_struct_na_base_pair_step.step_name 
_ndb_struct_na_base_pair_step.i_auth_asym_id_1 
_ndb_struct_na_base_pair_step.i_auth_seq_id_1 
_ndb_struct_na_base_pair_step.i_PDB_ins_code_1 
_ndb_struct_na_base_pair_step.j_auth_asym_id_1 
_ndb_struct_na_base_pair_step.j_auth_seq_id_1 
_ndb_struct_na_base_pair_step.j_PDB_ins_code_1 
_ndb_struct_na_base_pair_step.i_auth_asym_id_2 
_ndb_struct_na_base_pair_step.i_auth_seq_id_2 
_ndb_struct_na_base_pair_step.i_PDB_ins_code_2 
_ndb_struct_na_base_pair_step.j_auth_asym_id_2 
_ndb_struct_na_base_pair_step.j_auth_seq_id_2 
_ndb_struct_na_base_pair_step.j_PDB_ins_code_2 
1 A DC 1 1_555 B DG 6 1_555 A DG 2 1_555 B DC 5 1_555 -0.026 5.226  3.669 1.533 -3.730 -4.646  -17.767 12.471 5.945 37.900 15.580 
-6.152  1 AA_DC1DG2:DC11DG12_BB A 1 ? B 12 ? A 2 ? B 11 ? 
1 A DG 2 1_555 B DC 5 1_555 A DC 3 1_555 B DG 4 1_555 -0.022 -1.004 3.191 0.082 -5.373 -53.052 1.447   -0.020 3.083 5.998  0.092  
-53.304 2 AA_DG2DC3:DG10DC11_BB A 2 ? B 11 ? A 3 ? B 10 ? 
1 A DC 3 1_555 B DG 4 1_555 A DG 4 1_555 B DC 3 1_555 -0.082 5.473  3.774 0.217 -3.119 -5.484  -26.287 0.879  5.984 29.638 2.058  
-6.312  3 AA_DC3DG4:DC9DG10_BB  A 3 ? B 10 ? A 4 ? B 9  ? 
1 A DG 4 1_555 B DC 3 1_555 A DC 5 1_555 B DG 2 1_555 -0.252 -0.831 3.219 0.825 -1.893 -53.736 1.035   -0.228 3.193 2.093  0.912  
-53.773 4 AA_DG4DC5:DG8DC9_BB   A 4 ? B 9  ? A 5 ? B 8  ? 
1 A DC 5 1_555 B DG 2 1_555 A DG 6 1_555 B DC 1 1_555 0.037  5.065  3.406 0.888 -1.376 -6.660  -35.777 4.545  4.318 11.616 7.495  
-6.858  5 AA_DC5DG6:DC7DG8_BB   A 5 ? B 8  ? A 6 ? B 7  ? 
# 
loop_
_pdbx_entity_nonpoly.entity_id 
_pdbx_entity_nonpoly.name 
_pdbx_entity_nonpoly.comp_id 
2 'SPERMINE (FULLY PROTONATED FORM)' SPK 
3 'MANGANESE (II) ION'               MN  
4 water                              HOH 
# 
_pdbx_initial_refinement_model.id               1 
_pdbx_initial_refinement_model.entity_id_list   ? 
_pdbx_initial_refinement_model.type             'experimental model' 
_pdbx_initial_refinement_model.source_name      PDB 
_pdbx_initial_refinement_model.accession_code   1I0T 
_pdbx_initial_refinement_model.details          ? 
# 
